data_6K2Q
#
_entry.id   6K2Q
#
_cell.length_a   74.939
_cell.length_b   74.939
_cell.length_c   185.214
_cell.angle_alpha   90.00
_cell.angle_beta   90.00
_cell.angle_gamma   120.00
#
_symmetry.space_group_name_H-M   'P 32'
#
loop_
_entity.id
_entity.type
_entity.pdbx_description
1 polymer "5'-methylthioadenosine/S-adenosylhomocysteine nucleosidase"
2 non-polymer ADENINE
3 water water
#
_entity_poly.entity_id   1
_entity_poly.type   'polypeptide(L)'
_entity_poly.pdbx_seq_one_letter_code
;MSYYHHHHHHDYDIPTTENLYFQGAMDPEFMKVGIIGAMEQEVALLRSQMSNPTTLQLGGCEFYQGTLAGKEVILTRSGI
GKVAASVATSLLLEKFAPDCVINTGSAGGFAQDLHIGDVVIASEMRFHDVDVTAFGYEMGQMAQQPAAFPCDETLIAVAQ
DCIAEQGKHQTKVGLICTGDQFMCKPDAIAKARADFPQMLAVEMEGAAIGQVCHMFKVPYLVVRAMSDIAGKEQVESFDA
FIEVAGKHSAEVIIKMLGKL
;
_entity_poly.pdbx_strand_id   A,B,C,D
#
loop_
_chem_comp.id
_chem_comp.type
_chem_comp.name
_chem_comp.formula
ADE non-polymer ADENINE 'C5 H5 N5'
#
# COMPACT_ATOMS: atom_id res chain seq x y z
N ALA A 25 -21.20 -8.06 5.14
CA ALA A 25 -20.86 -9.51 5.25
C ALA A 25 -19.42 -9.67 5.71
N MET A 26 -18.86 -10.86 5.55
CA MET A 26 -17.42 -11.05 5.64
C MET A 26 -16.81 -11.36 4.27
N ASP A 27 -17.53 -11.06 3.19
CA ASP A 27 -17.11 -11.36 1.83
C ASP A 27 -16.17 -10.28 1.32
N PRO A 28 -15.17 -10.65 0.51
CA PRO A 28 -14.31 -9.62 -0.10
C PRO A 28 -15.09 -8.80 -1.11
N GLU A 29 -15.71 -7.71 -0.69
CA GLU A 29 -16.63 -6.99 -1.57
C GLU A 29 -16.03 -5.66 -2.00
N PHE A 30 -16.26 -5.33 -3.26
CA PHE A 30 -15.93 -4.03 -3.82
C PHE A 30 -17.25 -3.35 -4.20
N MET A 31 -17.61 -2.30 -3.47
CA MET A 31 -18.95 -1.73 -3.60
C MET A 31 -19.06 -0.69 -4.71
N LYS A 32 -18.01 0.09 -4.93
CA LYS A 32 -17.94 1.07 -6.01
C LYS A 32 -16.76 0.69 -6.90
N VAL A 33 -17.01 0.45 -8.17
CA VAL A 33 -16.00 -0.11 -9.07
C VAL A 33 -15.60 0.90 -10.12
N GLY A 34 -14.33 1.26 -10.16
CA GLY A 34 -13.82 2.09 -11.24
C GLY A 34 -13.38 1.19 -12.38
N ILE A 35 -13.62 1.66 -13.59
CA ILE A 35 -13.29 0.95 -14.82
C ILE A 35 -12.70 1.98 -15.75
N ILE A 36 -11.57 1.67 -16.36
CA ILE A 36 -10.88 2.66 -17.16
C ILE A 36 -10.45 2.04 -18.46
N GLY A 37 -10.76 2.74 -19.55
CA GLY A 37 -10.32 2.35 -20.87
C GLY A 37 -9.76 3.57 -21.58
N ALA A 38 -8.83 3.33 -22.48
CA ALA A 38 -8.10 4.43 -23.06
C ALA A 38 -8.91 5.10 -24.16
N MET A 39 -9.56 4.32 -25.02
CA MET A 39 -10.17 4.79 -26.24
C MET A 39 -11.67 4.52 -26.24
N GLU A 40 -12.38 5.24 -27.10
CA GLU A 40 -13.82 5.04 -27.23
C GLU A 40 -14.16 3.57 -27.50
N GLN A 41 -13.35 2.91 -28.33
CA GLN A 41 -13.58 1.51 -28.66
C GLN A 41 -13.46 0.60 -27.45
N GLU A 42 -12.73 1.00 -26.42
CA GLU A 42 -12.55 0.21 -25.21
C GLU A 42 -13.65 0.48 -24.16
N VAL A 43 -14.39 1.57 -24.27
CA VAL A 43 -15.41 1.89 -23.27
C VAL A 43 -16.83 1.92 -23.83
N ALA A 44 -17.02 1.82 -25.14
CA ALA A 44 -18.35 2.14 -25.70
C ALA A 44 -19.42 1.13 -25.28
N LEU A 45 -19.12 -0.16 -25.40
CA LEU A 45 -20.07 -1.18 -24.93
C LEU A 45 -20.42 -0.99 -23.45
N LEU A 46 -19.41 -0.79 -22.62
CA LEU A 46 -19.63 -0.63 -21.18
C LEU A 46 -20.58 0.53 -20.92
N ARG A 47 -20.32 1.67 -21.55
CA ARG A 47 -21.17 2.82 -21.34
C ARG A 47 -22.59 2.52 -21.81
N SER A 48 -22.72 1.79 -22.93
CA SER A 48 -24.05 1.57 -23.50
C SER A 48 -24.88 0.65 -22.65
N GLN A 49 -24.25 -0.13 -21.77
CA GLN A 49 -25.02 -0.95 -20.85
C GLN A 49 -25.17 -0.34 -19.48
N MET A 50 -24.89 0.94 -19.34
CA MET A 50 -25.09 1.64 -18.09
C MET A 50 -26.48 2.26 -18.06
N SER A 51 -27.08 2.27 -16.86
CA SER A 51 -28.42 2.80 -16.66
C SER A 51 -28.36 4.32 -16.49
N ASN A 52 -28.71 5.04 -17.55
CA ASN A 52 -28.79 6.49 -17.54
C ASN A 52 -27.56 7.13 -16.90
N PRO A 53 -26.39 6.96 -17.48
CA PRO A 53 -25.17 7.48 -16.84
C PRO A 53 -25.12 8.99 -16.82
N THR A 54 -24.60 9.54 -15.73
CA THR A 54 -24.17 10.92 -15.71
C THR A 54 -22.77 11.05 -16.30
N THR A 55 -22.55 12.11 -17.09
CA THR A 55 -21.27 12.36 -17.71
C THR A 55 -20.59 13.59 -17.10
N LEU A 56 -19.29 13.48 -16.80
CA LEU A 56 -18.46 14.59 -16.35
C LEU A 56 -17.25 14.69 -17.24
N GLN A 57 -16.92 15.93 -17.64
CA GLN A 57 -15.74 16.23 -18.43
C GLN A 57 -14.75 16.94 -17.53
N LEU A 58 -13.57 16.34 -17.30
CA LEU A 58 -12.59 16.99 -16.44
C LEU A 58 -11.17 16.57 -16.80
N GLY A 59 -10.27 17.55 -16.85
CA GLY A 59 -8.87 17.27 -17.12
C GLY A 59 -8.61 16.62 -18.46
N GLY A 60 -9.48 16.85 -19.43
CA GLY A 60 -9.37 16.20 -20.71
C GLY A 60 -9.85 14.76 -20.75
N CYS A 61 -10.47 14.29 -19.68
CA CYS A 61 -10.97 12.92 -19.61
C CYS A 61 -12.49 12.96 -19.43
N GLU A 62 -13.11 11.79 -19.58
CA GLU A 62 -14.53 11.68 -19.26
C GLU A 62 -14.79 10.60 -18.21
N PHE A 63 -15.74 10.90 -17.31
CA PHE A 63 -16.16 10.01 -16.24
C PHE A 63 -17.68 9.84 -16.32
N TYR A 64 -18.15 8.58 -16.36
CA TYR A 64 -19.57 8.25 -16.42
C TYR A 64 -19.94 7.47 -15.16
N GLN A 65 -20.84 8.03 -14.35
CA GLN A 65 -21.27 7.34 -13.15
C GLN A 65 -22.65 6.73 -13.34
N GLY A 66 -22.85 5.57 -12.74
CA GLY A 66 -24.16 4.94 -12.79
C GLY A 66 -24.05 3.49 -12.36
N THR A 67 -25.13 2.75 -12.62
CA THR A 67 -25.14 1.32 -12.33
C THR A 67 -24.96 0.53 -13.62
N LEU A 68 -24.30 -0.62 -13.49
CA LEU A 68 -23.94 -1.44 -14.64
C LEU A 68 -23.90 -2.87 -14.15
N ALA A 69 -24.74 -3.72 -14.73
CA ALA A 69 -24.80 -5.12 -14.35
C ALA A 69 -24.98 -5.26 -12.85
N GLY A 70 -25.76 -4.35 -12.26
CA GLY A 70 -26.06 -4.37 -10.86
C GLY A 70 -25.10 -3.58 -9.98
N LYS A 71 -23.89 -3.27 -10.45
CA LYS A 71 -22.87 -2.65 -9.61
C LYS A 71 -22.85 -1.14 -9.83
N GLU A 72 -22.57 -0.41 -8.75
CA GLU A 72 -22.23 1.00 -8.86
C GLU A 72 -20.86 1.12 -9.52
N VAL A 73 -20.76 1.88 -10.63
CA VAL A 73 -19.49 2.05 -11.31
C VAL A 73 -19.26 3.50 -11.72
N ILE A 74 -17.97 3.83 -11.86
CA ILE A 74 -17.46 5.00 -12.56
C ILE A 74 -16.61 4.45 -13.71
N LEU A 75 -17.09 4.65 -14.93
CA LEU A 75 -16.37 4.30 -16.15
C LEU A 75 -15.59 5.51 -16.62
N THR A 76 -14.31 5.33 -16.91
CA THR A 76 -13.44 6.43 -17.29
C THR A 76 -12.87 6.22 -18.68
N ARG A 77 -12.97 7.24 -19.52
CA ARG A 77 -12.29 7.26 -20.81
C ARG A 77 -11.09 8.19 -20.64
N SER A 78 -9.90 7.59 -20.63
CA SER A 78 -8.70 8.30 -20.18
C SER A 78 -7.95 9.04 -21.27
N GLY A 79 -8.02 8.56 -22.51
CA GLY A 79 -7.01 8.85 -23.50
C GLY A 79 -5.83 7.88 -23.43
N ILE A 80 -4.95 8.00 -24.43
CA ILE A 80 -3.88 7.04 -24.68
C ILE A 80 -2.58 7.51 -24.04
N GLY A 81 -1.83 6.55 -23.49
CA GLY A 81 -0.49 6.81 -23.00
C GLY A 81 -0.42 6.98 -21.48
N LYS A 82 0.81 6.98 -20.97
CA LYS A 82 1.02 6.97 -19.52
C LYS A 82 0.51 8.25 -18.86
N VAL A 83 0.79 9.41 -19.46
CA VAL A 83 0.38 10.65 -18.82
C VAL A 83 -1.14 10.74 -18.72
N ALA A 84 -1.84 10.44 -19.82
CA ALA A 84 -3.29 10.58 -19.83
C ALA A 84 -3.94 9.61 -18.85
N ALA A 85 -3.49 8.35 -18.84
CA ALA A 85 -3.99 7.36 -17.91
C ALA A 85 -3.73 7.77 -16.47
N SER A 86 -2.62 8.44 -16.22
CA SER A 86 -2.30 8.85 -14.85
C SER A 86 -3.22 9.95 -14.38
N VAL A 87 -3.44 10.95 -15.24
CA VAL A 87 -4.44 11.98 -14.97
C VAL A 87 -5.81 11.33 -14.69
N ALA A 88 -6.24 10.47 -15.61
CA ALA A 88 -7.56 9.86 -15.46
C ALA A 88 -7.67 9.10 -14.15
N THR A 89 -6.64 8.31 -13.80
CA THR A 89 -6.72 7.48 -12.61
C THR A 89 -6.68 8.33 -11.34
N SER A 90 -5.85 9.38 -11.34
CA SER A 90 -5.74 10.21 -10.16
C SER A 90 -7.03 11.01 -9.95
N LEU A 91 -7.66 11.47 -11.02
CA LEU A 91 -8.96 12.12 -10.87
C LEU A 91 -10.02 11.12 -10.40
N LEU A 92 -10.03 9.93 -10.99
CA LEU A 92 -11.00 8.93 -10.59
C LEU A 92 -10.90 8.64 -9.09
N LEU A 93 -9.69 8.46 -8.61
CA LEU A 93 -9.51 8.10 -7.21
C LEU A 93 -9.85 9.27 -6.32
N GLU A 94 -9.36 10.47 -6.64
CA GLU A 94 -9.60 11.55 -5.69
C GLU A 94 -11.05 12.00 -5.70
N LYS A 95 -11.70 12.06 -6.85
CA LYS A 95 -13.06 12.59 -6.89
C LYS A 95 -14.13 11.55 -6.60
N PHE A 96 -13.90 10.26 -6.91
CA PHE A 96 -14.94 9.25 -6.78
C PHE A 96 -14.62 8.15 -5.78
N ALA A 97 -13.36 7.99 -5.39
CA ALA A 97 -12.96 6.98 -4.42
C ALA A 97 -13.61 5.60 -4.65
N PRO A 98 -13.39 4.99 -5.81
CA PRO A 98 -13.85 3.61 -5.97
C PRO A 98 -13.07 2.67 -5.05
N ASP A 99 -13.64 1.48 -4.87
CA ASP A 99 -13.00 0.46 -4.07
C ASP A 99 -11.98 -0.37 -4.83
N CYS A 100 -11.99 -0.31 -6.16
CA CYS A 100 -11.01 -1.01 -6.98
C CYS A 100 -11.05 -0.37 -8.35
N VAL A 101 -9.97 -0.56 -9.11
CA VAL A 101 -9.90 -0.03 -10.48
C VAL A 101 -9.57 -1.18 -11.42
N ILE A 102 -10.39 -1.34 -12.46
CA ILE A 102 -10.20 -2.37 -13.47
C ILE A 102 -9.94 -1.66 -14.79
N ASN A 103 -8.80 -1.95 -15.39
CA ASN A 103 -8.44 -1.40 -16.69
C ASN A 103 -8.73 -2.44 -17.77
N THR A 104 -9.40 -2.01 -18.84
CA THR A 104 -9.77 -2.88 -19.94
C THR A 104 -9.29 -2.31 -21.27
N GLY A 105 -9.05 -3.16 -22.25
CA GLY A 105 -8.69 -2.65 -23.57
C GLY A 105 -7.94 -3.69 -24.37
N SER A 106 -7.15 -3.19 -25.32
CA SER A 106 -6.43 -4.01 -26.26
C SER A 106 -4.94 -4.00 -25.91
N ALA A 107 -4.22 -4.99 -26.43
CA ALA A 107 -2.76 -5.04 -26.24
C ALA A 107 -2.09 -5.76 -27.40
N GLY A 108 -0.77 -5.68 -27.43
CA GLY A 108 0.04 -6.37 -28.40
C GLY A 108 0.64 -7.62 -27.79
N GLY A 109 0.54 -8.73 -28.51
CA GLY A 109 0.90 -10.03 -27.97
C GLY A 109 2.34 -10.38 -28.27
N PHE A 110 3.15 -10.89 -27.28
CA PHE A 110 4.54 -11.37 -27.34
C PHE A 110 4.59 -12.88 -27.01
N ALA A 111 3.75 -13.42 -26.12
CA ALA A 111 3.79 -14.84 -25.71
C ALA A 111 3.64 -15.74 -26.95
N GLN A 112 4.35 -16.88 -26.95
CA GLN A 112 4.45 -17.85 -28.07
C GLN A 112 3.10 -18.30 -28.63
N ASP A 113 2.17 -18.68 -27.76
CA ASP A 113 0.85 -19.24 -28.18
C ASP A 113 -0.28 -18.22 -28.04
N LEU A 114 0.03 -16.93 -28.15
CA LEU A 114 -0.98 -15.86 -28.08
C LEU A 114 -1.45 -15.58 -29.52
N HIS A 115 -2.73 -15.27 -29.69
CA HIS A 115 -3.34 -15.01 -31.02
C HIS A 115 -4.25 -13.78 -30.92
N ILE A 116 -4.61 -13.23 -32.07
CA ILE A 116 -5.59 -12.12 -32.21
C ILE A 116 -6.84 -12.51 -31.42
N GLY A 117 -7.30 -11.70 -30.48
CA GLY A 117 -8.56 -11.93 -29.76
C GLY A 117 -8.38 -12.65 -28.44
N ASP A 118 -7.19 -13.16 -28.14
CA ASP A 118 -6.92 -13.90 -26.91
C ASP A 118 -6.91 -12.88 -25.77
N VAL A 119 -7.43 -13.24 -24.60
CA VAL A 119 -7.42 -12.40 -23.41
C VAL A 119 -6.21 -12.75 -22.56
N VAL A 120 -5.58 -11.73 -21.98
CA VAL A 120 -4.56 -11.89 -20.95
C VAL A 120 -4.99 -11.14 -19.71
N ILE A 121 -4.95 -11.84 -18.57
CA ILE A 121 -5.19 -11.27 -17.25
C ILE A 121 -3.83 -10.98 -16.61
N ALA A 122 -3.62 -9.74 -16.23
CA ALA A 122 -2.31 -9.38 -15.66
C ALA A 122 -2.20 -9.82 -14.21
N SER A 123 -1.12 -10.54 -13.91
CA SER A 123 -0.72 -10.82 -12.53
C SER A 123 -0.06 -9.60 -11.92
N GLU A 124 0.72 -8.89 -12.73
CA GLU A 124 1.40 -7.67 -12.33
C GLU A 124 1.69 -6.89 -13.60
N MET A 125 1.89 -5.59 -13.43
CA MET A 125 2.28 -4.70 -14.52
C MET A 125 3.70 -4.20 -14.26
N ARG A 126 4.48 -4.04 -15.33
CA ARG A 126 5.78 -3.39 -15.23
C ARG A 126 5.87 -2.40 -16.39
N PHE A 127 6.77 -1.43 -16.27
CA PHE A 127 7.08 -0.57 -17.40
C PHE A 127 8.24 -1.20 -18.17
N HIS A 128 8.11 -1.32 -19.50
CA HIS A 128 9.23 -1.81 -20.28
C HIS A 128 10.14 -0.71 -20.75
N ASP A 129 9.70 0.56 -20.71
CA ASP A 129 10.54 1.63 -21.19
C ASP A 129 11.19 2.46 -20.08
N VAL A 130 10.94 2.18 -18.80
CA VAL A 130 11.58 2.96 -17.73
C VAL A 130 12.98 2.43 -17.53
N ASP A 131 13.97 3.32 -17.47
CA ASP A 131 15.38 2.94 -17.25
C ASP A 131 16.16 3.95 -16.41
N VAL A 132 16.26 3.67 -15.12
CA VAL A 132 17.12 4.39 -14.18
C VAL A 132 18.08 3.40 -13.54
N THR A 133 18.45 2.37 -14.31
CA THR A 133 19.39 1.37 -13.83
C THR A 133 20.77 1.96 -13.49
N ALA A 134 21.14 3.09 -14.08
CA ALA A 134 22.39 3.72 -13.67
C ALA A 134 22.41 4.04 -12.18
N PHE A 135 21.26 4.07 -11.51
CA PHE A 135 21.22 4.36 -10.09
C PHE A 135 20.88 3.14 -9.24
N GLY A 136 20.96 1.95 -9.82
CA GLY A 136 20.79 0.74 -9.05
C GLY A 136 19.42 0.12 -9.14
N TYR A 137 18.41 0.83 -9.67
CA TYR A 137 17.09 0.26 -9.79
C TYR A 137 17.08 -0.82 -10.84
N GLU A 138 16.15 -1.76 -10.70
CA GLU A 138 15.94 -2.80 -11.69
C GLU A 138 15.51 -2.21 -13.02
N MET A 139 15.77 -2.93 -14.12
CA MET A 139 15.16 -2.48 -15.37
C MET A 139 13.66 -2.35 -15.19
N GLY A 140 13.09 -1.28 -15.74
CA GLY A 140 11.66 -1.02 -15.67
C GLY A 140 11.20 -0.42 -14.36
N GLN A 141 12.07 -0.32 -13.37
CA GLN A 141 11.70 0.24 -12.06
C GLN A 141 11.96 1.74 -12.06
N MET A 142 10.91 2.51 -11.88
CA MET A 142 11.03 3.95 -11.70
C MET A 142 11.52 4.27 -10.30
N ALA A 143 12.40 5.26 -10.20
CA ALA A 143 12.89 5.71 -8.90
C ALA A 143 11.74 6.06 -7.97
N GLN A 144 11.84 5.60 -6.72
CA GLN A 144 10.87 5.79 -5.65
C GLN A 144 9.66 4.87 -5.76
N GLN A 145 9.56 4.01 -6.78
CA GLN A 145 8.45 3.07 -6.96
C GLN A 145 8.93 1.62 -6.83
N PRO A 146 8.02 0.68 -6.64
CA PRO A 146 8.40 -0.73 -6.73
C PRO A 146 8.71 -1.12 -8.17
N ALA A 147 9.43 -2.23 -8.31
CA ALA A 147 9.77 -2.74 -9.64
C ALA A 147 8.54 -3.20 -10.41
N ALA A 148 7.53 -3.69 -9.70
CA ALA A 148 6.35 -4.27 -10.33
C ALA A 148 5.16 -3.82 -9.51
N PHE A 149 3.98 -3.87 -10.14
CA PHE A 149 2.72 -3.50 -9.49
C PHE A 149 1.80 -4.70 -9.56
N PRO A 150 1.79 -5.56 -8.54
CA PRO A 150 0.92 -6.73 -8.55
C PRO A 150 -0.57 -6.35 -8.54
N CYS A 151 -1.33 -7.02 -9.39
CA CYS A 151 -2.78 -6.87 -9.41
C CYS A 151 -3.41 -7.62 -8.22
N ASP A 152 -4.56 -7.12 -7.78
CA ASP A 152 -5.21 -7.68 -6.60
C ASP A 152 -5.59 -9.14 -6.84
N GLU A 153 -5.29 -10.00 -5.87
CA GLU A 153 -5.38 -11.42 -6.12
C GLU A 153 -6.83 -11.88 -6.17
N THR A 154 -7.72 -11.19 -5.47
CA THR A 154 -9.15 -11.46 -5.59
C THR A 154 -9.66 -11.10 -6.98
N LEU A 155 -9.28 -9.92 -7.47
CA LEU A 155 -9.70 -9.52 -8.79
C LEU A 155 -9.20 -10.49 -9.85
N ILE A 156 -7.96 -10.98 -9.68
CA ILE A 156 -7.43 -11.96 -10.60
C ILE A 156 -8.29 -13.23 -10.59
N ALA A 157 -8.62 -13.73 -9.39
CA ALA A 157 -9.40 -14.97 -9.30
C ALA A 157 -10.78 -14.82 -9.93
N VAL A 158 -11.45 -13.69 -9.65
CA VAL A 158 -12.75 -13.43 -10.25
C VAL A 158 -12.64 -13.42 -11.77
N ALA A 159 -11.64 -12.69 -12.29
CA ALA A 159 -11.46 -12.65 -13.74
C ALA A 159 -11.27 -14.06 -14.29
N GLN A 160 -10.47 -14.90 -13.61
CA GLN A 160 -10.22 -16.23 -14.13
C GLN A 160 -11.50 -17.04 -14.22
N ASP A 161 -12.37 -16.91 -13.21
CA ASP A 161 -13.61 -17.69 -13.21
C ASP A 161 -14.55 -17.29 -14.36
N CYS A 162 -14.41 -16.10 -14.91
CA CYS A 162 -15.23 -15.66 -16.03
C CYS A 162 -14.72 -16.16 -17.40
N LYS A 172 -4.86 -17.12 -20.20
CA LYS A 172 -3.53 -16.81 -19.69
C LYS A 172 -3.40 -15.66 -18.65
N VAL A 173 -2.54 -15.89 -17.66
CA VAL A 173 -2.32 -14.98 -16.54
C VAL A 173 -0.83 -14.75 -16.40
N GLY A 174 -0.43 -13.48 -16.29
CA GLY A 174 0.99 -13.21 -16.11
C GLY A 174 1.32 -11.74 -16.38
N LEU A 175 2.54 -11.51 -16.83
CA LEU A 175 3.10 -10.16 -16.89
C LEU A 175 2.69 -9.44 -18.17
N ILE A 176 2.20 -8.21 -18.02
CA ILE A 176 2.02 -7.28 -19.14
C ILE A 176 2.90 -6.08 -18.86
N CYS A 177 3.55 -5.57 -19.90
CA CYS A 177 4.38 -4.39 -19.75
C CYS A 177 3.81 -3.21 -20.52
N THR A 178 4.16 -2.02 -20.05
CA THR A 178 3.63 -0.76 -20.51
C THR A 178 4.76 0.13 -20.96
N GLY A 179 4.55 0.81 -22.09
CA GLY A 179 5.47 1.86 -22.50
C GLY A 179 4.74 2.85 -23.39
N ASP A 180 5.35 4.01 -23.55
CA ASP A 180 4.78 5.06 -24.41
C ASP A 180 5.23 4.91 -25.86
N GLN A 181 5.22 3.70 -26.36
CA GLN A 181 5.61 3.37 -27.71
C GLN A 181 4.68 2.30 -28.24
N PHE A 182 4.34 2.37 -29.54
CA PHE A 182 3.58 1.29 -30.22
C PHE A 182 4.66 0.31 -30.71
N MET A 183 4.81 -0.85 -30.07
CA MET A 183 5.89 -1.82 -30.36
C MET A 183 5.63 -2.62 -31.64
N CYS A 184 6.24 -2.22 -32.74
CA CYS A 184 6.19 -2.99 -34.02
C CYS A 184 7.54 -3.06 -34.75
N LYS A 185 8.57 -2.27 -34.40
CA LYS A 185 9.85 -2.25 -35.11
C LYS A 185 10.64 -3.44 -34.53
N PRO A 186 11.37 -4.50 -35.32
CA PRO A 186 12.03 -5.74 -34.80
C PRO A 186 13.01 -5.50 -33.67
N ASP A 187 13.87 -4.49 -33.77
CA ASP A 187 14.87 -4.25 -32.74
C ASP A 187 14.20 -3.90 -31.41
N ALA A 188 13.10 -3.15 -31.43
CA ALA A 188 12.42 -2.79 -30.20
C ALA A 188 11.75 -4.01 -29.56
N ILE A 189 11.17 -4.88 -30.38
CA ILE A 189 10.55 -6.07 -29.86
C ILE A 189 11.61 -6.97 -29.22
N ALA A 190 12.78 -7.07 -29.86
CA ALA A 190 13.87 -7.89 -29.33
C ALA A 190 14.44 -7.32 -28.03
N LYS A 191 14.63 -6.02 -27.95
CA LYS A 191 15.06 -5.45 -26.68
C LYS A 191 14.05 -5.76 -25.57
N ALA A 192 12.76 -5.59 -25.85
CA ALA A 192 11.76 -5.83 -24.81
C ALA A 192 11.73 -7.30 -24.41
N ARG A 193 11.87 -8.21 -25.38
CA ARG A 193 11.86 -9.63 -25.02
C ARG A 193 13.05 -9.96 -24.15
N ALA A 194 14.23 -9.42 -24.47
CA ALA A 194 15.42 -9.74 -23.69
C ALA A 194 15.36 -9.12 -22.31
N ASP A 195 14.75 -7.93 -22.20
CA ASP A 195 14.64 -7.27 -20.90
C ASP A 195 13.65 -7.99 -19.99
N PHE A 196 12.55 -8.50 -20.56
CA PHE A 196 11.46 -9.08 -19.79
C PHE A 196 11.04 -10.39 -20.44
N PRO A 197 11.83 -11.46 -20.26
CA PRO A 197 11.54 -12.72 -20.97
C PRO A 197 10.18 -13.29 -20.66
N GLN A 198 9.59 -12.97 -19.51
CA GLN A 198 8.27 -13.47 -19.17
C GLN A 198 7.13 -12.52 -19.52
N MET A 199 7.41 -11.39 -20.21
CA MET A 199 6.35 -10.49 -20.65
C MET A 199 5.46 -11.20 -21.67
N LEU A 200 4.15 -11.20 -21.43
CA LEU A 200 3.20 -11.83 -22.33
C LEU A 200 2.63 -10.89 -23.38
N ALA A 201 2.55 -9.60 -23.08
CA ALA A 201 1.92 -8.64 -23.99
C ALA A 201 2.39 -7.25 -23.59
N VAL A 202 2.10 -6.25 -24.45
CA VAL A 202 2.44 -4.86 -24.17
C VAL A 202 1.25 -3.96 -24.49
N GLU A 203 1.23 -2.80 -23.83
CA GLU A 203 0.25 -1.76 -24.15
C GLU A 203 0.79 -0.44 -23.62
N MET A 204 -0.08 0.56 -23.51
CA MET A 204 0.42 1.90 -23.28
C MET A 204 -0.12 2.59 -22.02
N GLU A 205 -0.83 1.88 -21.14
CA GLU A 205 -1.42 2.51 -19.95
C GLU A 205 -1.37 1.67 -18.70
N GLY A 206 -1.28 0.34 -18.79
CA GLY A 206 -1.57 -0.52 -17.62
C GLY A 206 -0.70 -0.23 -16.40
N ALA A 207 0.61 -0.11 -16.61
CA ALA A 207 1.48 0.10 -15.45
C ALA A 207 1.36 1.50 -14.89
N ALA A 208 0.99 2.50 -15.69
CA ALA A 208 0.70 3.82 -15.12
C ALA A 208 -0.50 3.73 -14.19
N ILE A 209 -1.57 3.07 -14.63
CA ILE A 209 -2.72 2.91 -13.76
C ILE A 209 -2.29 2.20 -12.48
N GLY A 210 -1.49 1.14 -12.63
CA GLY A 210 -1.02 0.42 -11.45
C GLY A 210 -0.19 1.30 -10.53
N GLN A 211 0.62 2.19 -11.10
CA GLN A 211 1.44 3.05 -10.26
C GLN A 211 0.60 4.04 -9.48
N VAL A 212 -0.37 4.66 -10.17
CA VAL A 212 -1.24 5.59 -9.47
C VAL A 212 -2.01 4.85 -8.37
N CYS A 213 -2.55 3.67 -8.66
CA CYS A 213 -3.25 2.89 -7.63
C CYS A 213 -2.33 2.51 -6.49
N HIS A 214 -1.05 2.30 -6.77
CA HIS A 214 -0.09 2.06 -5.68
C HIS A 214 0.10 3.33 -4.86
N MET A 215 0.22 4.47 -5.53
CA MET A 215 0.40 5.74 -4.84
C MET A 215 -0.80 6.07 -3.96
N PHE A 216 -1.99 5.59 -4.32
CA PHE A 216 -3.19 5.84 -3.54
C PHE A 216 -3.63 4.63 -2.69
N LYS A 217 -2.96 3.48 -2.84
CA LYS A 217 -3.25 2.23 -2.15
C LYS A 217 -4.67 1.72 -2.42
N VAL A 218 -4.98 1.54 -3.70
CA VAL A 218 -6.28 1.08 -4.16
C VAL A 218 -6.07 -0.19 -4.96
N PRO A 219 -6.82 -1.28 -4.70
CA PRO A 219 -6.64 -2.49 -5.51
C PRO A 219 -6.96 -2.25 -6.98
N TYR A 220 -6.26 -2.97 -7.86
CA TYR A 220 -6.54 -2.84 -9.29
C TYR A 220 -6.21 -4.13 -10.04
N LEU A 221 -6.66 -4.15 -11.29
CA LEU A 221 -6.47 -5.26 -12.21
C LEU A 221 -6.47 -4.73 -13.64
N VAL A 222 -5.65 -5.33 -14.49
CA VAL A 222 -5.62 -5.06 -15.92
C VAL A 222 -6.02 -6.34 -16.66
N VAL A 223 -6.91 -6.19 -17.62
CA VAL A 223 -7.43 -7.25 -18.48
C VAL A 223 -7.33 -6.71 -19.90
N ARG A 224 -6.66 -7.42 -20.78
CA ARG A 224 -6.52 -6.94 -22.15
C ARG A 224 -6.85 -8.06 -23.13
N ALA A 225 -7.36 -7.71 -24.33
CA ALA A 225 -7.46 -8.66 -25.43
C ALA A 225 -6.55 -8.21 -26.57
N MET A 226 -6.00 -9.18 -27.30
CA MET A 226 -4.90 -8.94 -28.24
C MET A 226 -5.50 -8.41 -29.55
N SER A 227 -5.06 -7.23 -29.98
CA SER A 227 -5.44 -6.68 -31.27
C SER A 227 -4.37 -6.88 -32.33
N ASP A 228 -3.20 -7.40 -31.92
CA ASP A 228 -2.10 -7.61 -32.84
C ASP A 228 -1.04 -8.41 -32.12
N ILE A 229 -0.17 -9.03 -32.92
CA ILE A 229 0.86 -9.94 -32.43
C ILE A 229 2.21 -9.44 -32.91
N ALA A 230 3.20 -9.48 -32.01
CA ALA A 230 4.53 -8.96 -32.31
C ALA A 230 5.08 -9.61 -33.56
N GLY A 231 5.51 -8.79 -34.52
CA GLY A 231 6.12 -9.27 -35.74
C GLY A 231 5.17 -9.52 -36.89
N LYS A 232 3.87 -9.31 -36.73
CA LYS A 232 2.90 -9.68 -37.75
C LYS A 232 1.96 -8.53 -38.11
N GLU A 233 2.40 -7.70 -39.04
CA GLU A 233 1.62 -6.59 -39.61
C GLU A 233 0.77 -5.92 -38.54
N GLN A 234 1.45 -5.33 -37.56
CA GLN A 234 0.74 -4.90 -36.37
C GLN A 234 -0.09 -3.65 -36.61
N VAL A 235 0.34 -2.73 -37.47
CA VAL A 235 -0.42 -1.51 -37.68
C VAL A 235 -1.80 -1.82 -38.30
N GLU A 236 -1.79 -2.57 -39.41
CA GLU A 236 -3.04 -2.95 -40.07
C GLU A 236 -3.87 -3.86 -39.17
N SER A 237 -3.22 -4.77 -38.45
CA SER A 237 -3.95 -5.63 -37.52
C SER A 237 -4.68 -4.79 -36.48
N PHE A 238 -3.95 -3.86 -35.87
CA PHE A 238 -4.52 -3.00 -34.84
C PHE A 238 -5.74 -2.27 -35.37
N ASP A 239 -5.62 -1.67 -36.55
CA ASP A 239 -6.76 -0.93 -37.08
C ASP A 239 -7.96 -1.84 -37.35
N ALA A 240 -7.70 -3.10 -37.72
CA ALA A 240 -8.81 -4.00 -38.03
C ALA A 240 -9.42 -4.65 -36.80
N PHE A 241 -8.64 -4.82 -35.72
CA PHE A 241 -9.07 -5.64 -34.60
C PHE A 241 -9.29 -4.86 -33.32
N ILE A 242 -9.02 -3.56 -33.31
CA ILE A 242 -9.18 -2.82 -32.06
C ILE A 242 -10.63 -2.85 -31.59
N GLU A 243 -11.60 -2.76 -32.52
CA GLU A 243 -12.99 -2.71 -32.08
C GLU A 243 -13.39 -4.03 -31.41
N VAL A 244 -13.11 -5.15 -32.08
CA VAL A 244 -13.57 -6.43 -31.52
C VAL A 244 -12.76 -6.81 -30.29
N ALA A 245 -11.46 -6.43 -30.23
CA ALA A 245 -10.68 -6.74 -29.04
C ALA A 245 -11.18 -5.94 -27.84
N GLY A 246 -11.43 -4.64 -28.02
CA GLY A 246 -12.00 -3.85 -26.95
C GLY A 246 -13.32 -4.39 -26.46
N LYS A 247 -14.16 -4.88 -27.39
CA LYS A 247 -15.43 -5.46 -26.95
C LYS A 247 -15.20 -6.74 -26.14
N HIS A 248 -14.28 -7.58 -26.57
CA HIS A 248 -14.03 -8.84 -25.88
C HIS A 248 -13.56 -8.59 -24.45
N SER A 249 -12.61 -7.67 -24.29
CA SER A 249 -12.11 -7.33 -22.97
C SER A 249 -13.24 -6.80 -22.08
N ALA A 250 -14.05 -5.90 -22.63
CA ALA A 250 -15.13 -5.31 -21.86
C ALA A 250 -16.14 -6.37 -21.45
N GLU A 251 -16.30 -7.41 -22.27
CA GLU A 251 -17.25 -8.48 -21.95
C GLU A 251 -16.74 -9.32 -20.77
N VAL A 252 -15.42 -9.53 -20.69
CA VAL A 252 -14.89 -10.08 -19.44
C VAL A 252 -15.30 -9.21 -18.26
N ILE A 253 -15.08 -7.89 -18.38
CA ILE A 253 -15.37 -6.99 -17.26
C ILE A 253 -16.84 -7.08 -16.84
N ILE A 254 -17.75 -7.10 -17.82
CA ILE A 254 -19.17 -7.19 -17.50
C ILE A 254 -19.46 -8.50 -16.77
N LYS A 255 -18.84 -9.61 -17.21
CA LYS A 255 -18.98 -10.85 -16.46
C LYS A 255 -18.48 -10.67 -15.03
N MET A 256 -17.30 -10.06 -14.88
CA MET A 256 -16.71 -9.87 -13.55
C MET A 256 -17.66 -9.13 -12.62
N LEU A 257 -18.36 -8.12 -13.15
CA LEU A 257 -19.15 -7.27 -12.27
C LEU A 257 -20.35 -7.99 -11.66
N GLY A 258 -20.83 -9.04 -12.33
CA GLY A 258 -21.89 -9.85 -11.74
C GLY A 258 -21.44 -10.62 -10.51
N LYS A 259 -20.14 -10.91 -10.39
CA LYS A 259 -19.60 -11.75 -9.33
C LYS A 259 -18.86 -10.94 -8.27
N LEU A 260 -18.83 -9.62 -8.39
CA LEU A 260 -18.13 -8.80 -7.43
C LEU A 260 -19.09 -8.30 -6.36
N GLY B 24 5.00 43.20 -16.73
CA GLY B 24 4.84 44.62 -17.14
C GLY B 24 3.36 44.99 -17.18
N ALA B 25 3.07 46.27 -17.41
CA ALA B 25 1.68 46.75 -17.37
C ALA B 25 0.78 46.01 -18.35
N MET B 26 1.28 45.69 -19.55
CA MET B 26 0.43 45.06 -20.56
C MET B 26 0.33 43.54 -20.42
N ASP B 27 1.04 42.91 -19.44
CA ASP B 27 1.05 41.45 -19.31
C ASP B 27 -0.14 40.97 -18.48
N PRO B 28 -0.66 39.78 -18.78
CA PRO B 28 -1.65 39.18 -17.88
C PRO B 28 -1.08 38.96 -16.49
N GLU B 29 -1.98 38.85 -15.51
CA GLU B 29 -1.64 38.62 -14.12
C GLU B 29 -1.80 37.16 -13.75
N PHE B 30 -1.03 36.74 -12.76
CA PHE B 30 -1.06 35.38 -12.22
C PHE B 30 -1.15 35.51 -10.71
N MET B 31 -2.35 35.33 -10.16
CA MET B 31 -2.59 35.65 -8.74
C MET B 31 -2.28 34.47 -7.83
N LYS B 32 -2.41 33.24 -8.31
CA LYS B 32 -2.11 32.03 -7.54
C LYS B 32 -1.16 31.20 -8.38
N VAL B 33 0.04 30.95 -7.86
CA VAL B 33 1.11 30.32 -8.64
C VAL B 33 1.35 28.92 -8.08
N GLY B 34 1.26 27.91 -8.94
CA GLY B 34 1.63 26.56 -8.58
C GLY B 34 3.07 26.33 -9.01
N ILE B 35 3.82 25.67 -8.14
CA ILE B 35 5.23 25.38 -8.36
C ILE B 35 5.45 23.91 -8.05
N ILE B 36 6.12 23.21 -8.95
CA ILE B 36 6.31 21.77 -8.84
C ILE B 36 7.79 21.45 -8.97
N GLY B 37 8.27 20.63 -8.04
CA GLY B 37 9.58 20.02 -8.15
C GLY B 37 9.47 18.55 -7.78
N ALA B 38 10.33 17.76 -8.40
CA ALA B 38 10.27 16.32 -8.24
C ALA B 38 10.83 15.88 -6.91
N MET B 39 11.94 16.47 -6.47
CA MET B 39 12.70 15.97 -5.33
C MET B 39 12.79 17.01 -4.22
N GLU B 40 13.02 16.52 -3.01
CA GLU B 40 13.26 17.39 -1.87
C GLU B 40 14.36 18.41 -2.17
N GLN B 41 15.46 17.96 -2.78
CA GLN B 41 16.53 18.90 -3.09
C GLN B 41 16.08 20.01 -4.03
N GLU B 42 14.93 19.85 -4.69
CA GLU B 42 14.43 20.82 -5.65
C GLU B 42 13.36 21.72 -5.06
N VAL B 43 12.81 21.39 -3.90
CA VAL B 43 11.77 22.19 -3.27
C VAL B 43 12.14 22.69 -1.87
N ALA B 44 13.25 22.25 -1.28
CA ALA B 44 13.50 22.54 0.13
C ALA B 44 13.70 24.04 0.38
N LEU B 45 14.54 24.67 -0.42
CA LEU B 45 14.78 26.10 -0.27
C LEU B 45 13.49 26.90 -0.43
N LEU B 46 12.74 26.60 -1.50
CA LEU B 46 11.48 27.32 -1.73
C LEU B 46 10.54 27.17 -0.54
N ARG B 47 10.40 25.94 -0.02
CA ARG B 47 9.56 25.72 1.14
C ARG B 47 10.05 26.53 2.34
N SER B 48 11.36 26.57 2.56
CA SER B 48 11.88 27.26 3.73
C SER B 48 11.64 28.74 3.65
N GLN B 49 11.38 29.27 2.46
CA GLN B 49 11.05 30.69 2.34
C GLN B 49 9.55 30.97 2.37
N MET B 50 8.71 29.97 2.64
CA MET B 50 7.28 30.17 2.75
C MET B 50 6.93 30.55 4.18
N SER B 51 5.80 31.22 4.34
CA SER B 51 5.37 31.74 5.63
C SER B 51 4.31 30.80 6.19
N ASN B 52 4.67 30.10 7.26
CA ASN B 52 3.77 29.20 7.96
C ASN B 52 3.01 28.29 6.96
N PRO B 53 3.70 27.46 6.21
CA PRO B 53 3.01 26.69 5.15
C PRO B 53 2.16 25.56 5.71
N THR B 54 0.93 25.47 5.20
CA THR B 54 0.13 24.28 5.44
C THR B 54 0.65 23.13 4.59
N THR B 55 0.58 21.91 5.14
CA THR B 55 0.97 20.71 4.40
C THR B 55 -0.21 19.79 4.17
N LEU B 56 -0.35 19.32 2.92
CA LEU B 56 -1.34 18.34 2.52
C LEU B 56 -0.60 17.16 1.88
N GLN B 57 -0.78 15.97 2.45
CA GLN B 57 -0.27 14.73 1.87
C GLN B 57 -1.40 14.04 1.10
N LEU B 58 -1.16 13.73 -0.16
CA LEU B 58 -2.23 13.14 -0.94
C LEU B 58 -1.66 12.50 -2.20
N GLY B 59 -2.14 11.30 -2.51
CA GLY B 59 -1.70 10.56 -3.67
C GLY B 59 -0.21 10.31 -3.72
N GLY B 60 0.45 10.29 -2.57
CA GLY B 60 1.88 10.10 -2.53
C GLY B 60 2.68 11.33 -2.84
N CYS B 61 2.03 12.47 -3.03
CA CYS B 61 2.67 13.75 -3.23
C CYS B 61 2.46 14.62 -2.00
N GLU B 62 3.20 15.75 -1.97
CA GLU B 62 2.96 16.75 -0.93
C GLU B 62 2.72 18.13 -1.50
N PHE B 63 1.81 18.86 -0.88
CA PHE B 63 1.44 20.22 -1.29
C PHE B 63 1.59 21.15 -0.10
N TYR B 64 2.28 22.26 -0.31
CA TYR B 64 2.52 23.28 0.71
C TYR B 64 1.87 24.56 0.25
N GLN B 65 0.94 25.06 1.05
CA GLN B 65 0.12 26.21 0.69
C GLN B 65 0.49 27.40 1.58
N GLY B 66 0.78 28.53 0.97
CA GLY B 66 1.16 29.71 1.73
C GLY B 66 1.70 30.80 0.84
N THR B 67 2.27 31.82 1.47
CA THR B 67 2.80 32.97 0.74
C THR B 67 4.31 32.87 0.59
N LEU B 68 4.81 33.23 -0.58
CA LEU B 68 6.23 33.13 -0.88
C LEU B 68 6.61 34.30 -1.76
N ALA B 69 7.59 35.08 -1.32
CA ALA B 69 8.03 36.27 -2.07
C ALA B 69 6.83 37.12 -2.48
N GLY B 70 5.89 37.28 -1.57
CA GLY B 70 4.75 38.14 -1.81
C GLY B 70 3.63 37.55 -2.65
N LYS B 71 3.74 36.30 -3.08
CA LYS B 71 2.71 35.68 -3.89
C LYS B 71 2.05 34.54 -3.14
N GLU B 72 0.76 34.33 -3.40
CA GLU B 72 0.06 33.13 -2.98
C GLU B 72 0.58 31.97 -3.81
N VAL B 73 1.11 30.91 -3.17
CA VAL B 73 1.60 29.78 -3.95
C VAL B 73 1.18 28.45 -3.31
N ILE B 74 1.11 27.43 -4.18
CA ILE B 74 1.04 26.03 -3.77
C ILE B 74 2.29 25.34 -4.32
N LEU B 75 3.24 25.03 -3.45
CA LEU B 75 4.45 24.33 -3.82
C LEU B 75 4.22 22.83 -3.71
N THR B 76 4.67 22.10 -4.72
CA THR B 76 4.31 20.68 -4.89
C THR B 76 5.57 19.85 -5.01
N ARG B 77 5.70 18.83 -4.16
CA ARG B 77 6.77 17.84 -4.30
C ARG B 77 6.14 16.59 -4.93
N SER B 78 6.50 16.35 -6.18
CA SER B 78 5.76 15.44 -7.05
C SER B 78 6.27 14.01 -7.00
N GLY B 79 7.55 13.75 -6.75
CA GLY B 79 8.13 12.47 -7.10
C GLY B 79 8.65 12.50 -8.52
N ILE B 80 9.39 11.46 -8.87
CA ILE B 80 10.18 11.43 -10.09
C ILE B 80 9.42 10.70 -11.20
N GLY B 81 9.60 11.17 -12.43
CA GLY B 81 9.08 10.46 -13.57
C GLY B 81 7.75 11.03 -14.04
N LYS B 82 7.38 10.62 -15.26
CA LYS B 82 6.18 11.10 -15.92
C LYS B 82 4.91 10.80 -15.12
N VAL B 83 4.77 9.57 -14.61
CA VAL B 83 3.51 9.21 -13.95
C VAL B 83 3.34 10.02 -12.65
N ALA B 84 4.37 10.04 -11.79
CA ALA B 84 4.25 10.82 -10.55
C ALA B 84 4.02 12.31 -10.84
N ALA B 85 4.76 12.88 -11.80
CA ALA B 85 4.55 14.29 -12.14
C ALA B 85 3.13 14.54 -12.59
N SER B 86 2.58 13.60 -13.35
CA SER B 86 1.22 13.74 -13.84
C SER B 86 0.23 13.72 -12.69
N VAL B 87 0.43 12.80 -11.74
CA VAL B 87 -0.45 12.74 -10.57
C VAL B 87 -0.41 14.06 -9.84
N ALA B 88 0.81 14.51 -9.55
CA ALA B 88 0.98 15.73 -8.76
C ALA B 88 0.32 16.91 -9.46
N THR B 89 0.51 17.02 -10.77
CA THR B 89 -0.03 18.19 -11.48
C THR B 89 -1.55 18.11 -11.55
N SER B 90 -2.10 16.90 -11.77
CA SER B 90 -3.55 16.73 -11.80
C SER B 90 -4.18 17.18 -10.49
N LEU B 91 -3.57 16.75 -9.38
CA LEU B 91 -4.15 17.08 -8.08
C LEU B 91 -3.95 18.53 -7.74
N LEU B 92 -2.80 19.09 -8.06
CA LEU B 92 -2.55 20.51 -7.86
C LEU B 92 -3.63 21.35 -8.56
N LEU B 93 -3.94 20.99 -9.80
CA LEU B 93 -4.90 21.77 -10.58
C LEU B 93 -6.32 21.54 -10.10
N GLU B 94 -6.72 20.28 -9.94
CA GLU B 94 -8.09 20.02 -9.56
C GLU B 94 -8.38 20.52 -8.15
N LYS B 95 -7.42 20.40 -7.22
CA LYS B 95 -7.70 20.73 -5.83
C LYS B 95 -7.40 22.18 -5.49
N PHE B 96 -6.41 22.82 -6.14
CA PHE B 96 -6.01 24.16 -5.75
C PHE B 96 -6.22 25.20 -6.82
N ALA B 97 -6.53 24.80 -8.04
CA ALA B 97 -6.72 25.66 -9.20
C ALA B 97 -5.83 26.91 -9.22
N PRO B 98 -4.51 26.75 -9.32
CA PRO B 98 -3.65 27.92 -9.53
C PRO B 98 -3.80 28.47 -10.94
N ASP B 99 -3.38 29.73 -11.11
CA ASP B 99 -3.48 30.40 -12.40
C ASP B 99 -2.32 30.04 -13.34
N CYS B 100 -1.25 29.45 -12.84
CA CYS B 100 -0.21 28.91 -13.70
C CYS B 100 0.57 27.85 -12.92
N VAL B 101 1.41 27.12 -13.66
CA VAL B 101 2.29 26.13 -13.05
C VAL B 101 3.72 26.35 -13.55
N ILE B 102 4.65 26.40 -12.61
CA ILE B 102 6.07 26.52 -12.89
C ILE B 102 6.76 25.29 -12.34
N ASN B 103 7.47 24.59 -13.20
CA ASN B 103 8.26 23.42 -12.83
C ASN B 103 9.71 23.87 -12.68
N THR B 104 10.35 23.47 -11.58
CA THR B 104 11.73 23.84 -11.25
C THR B 104 12.53 22.57 -11.02
N GLY B 105 13.82 22.61 -11.33
CA GLY B 105 14.61 21.47 -10.85
C GLY B 105 15.89 21.28 -11.66
N SER B 106 16.34 20.03 -11.70
CA SER B 106 17.61 19.68 -12.34
C SER B 106 17.37 19.03 -13.71
N ALA B 107 18.44 19.04 -14.52
CA ALA B 107 18.39 18.48 -15.86
C ALA B 107 19.79 18.10 -16.30
N GLY B 108 19.86 17.36 -17.41
CA GLY B 108 21.13 16.99 -18.03
C GLY B 108 21.37 17.79 -19.29
N GLY B 109 22.54 18.42 -19.37
CA GLY B 109 22.86 19.30 -20.48
C GLY B 109 23.30 18.57 -21.75
N PHE B 110 22.78 19.03 -22.86
CA PHE B 110 23.11 18.52 -24.17
C PHE B 110 23.76 19.57 -25.04
N ALA B 111 23.30 20.82 -24.96
CA ALA B 111 23.82 21.89 -25.80
C ALA B 111 25.30 22.13 -25.55
N GLN B 112 25.95 22.69 -26.57
CA GLN B 112 27.40 22.82 -26.59
C GLN B 112 27.97 23.50 -25.34
N ASP B 113 27.49 24.71 -25.03
CA ASP B 113 28.18 25.57 -24.07
C ASP B 113 27.55 25.52 -22.67
N LEU B 114 26.91 24.42 -22.31
CA LEU B 114 26.30 24.31 -21.00
C LEU B 114 27.32 23.72 -20.02
N HIS B 115 27.32 24.28 -18.82
CA HIS B 115 28.14 23.84 -17.71
C HIS B 115 27.24 23.52 -16.54
N ILE B 116 27.79 22.76 -15.60
CA ILE B 116 27.05 22.48 -14.38
C ILE B 116 26.56 23.78 -13.78
N GLY B 117 25.31 23.77 -13.34
CA GLY B 117 24.72 24.91 -12.65
C GLY B 117 24.05 25.92 -13.57
N ASP B 118 24.32 25.84 -14.87
CA ASP B 118 23.68 26.72 -15.86
C ASP B 118 22.19 26.44 -15.90
N VAL B 119 21.43 27.49 -16.22
CA VAL B 119 19.97 27.44 -16.23
C VAL B 119 19.48 27.44 -17.68
N VAL B 120 18.47 26.63 -17.95
CA VAL B 120 17.77 26.62 -19.23
C VAL B 120 16.29 26.90 -18.95
N ILE B 121 15.74 27.85 -19.69
CA ILE B 121 14.30 28.15 -19.68
C ILE B 121 13.71 27.46 -20.91
N ALA B 122 12.68 26.65 -20.71
CA ALA B 122 12.00 25.96 -21.81
C ALA B 122 11.06 26.92 -22.53
N SER B 123 11.28 27.07 -23.83
CA SER B 123 10.29 27.65 -24.72
C SER B 123 9.19 26.63 -25.03
N GLU B 124 9.53 25.36 -25.02
CA GLU B 124 8.57 24.31 -25.27
C GLU B 124 9.14 23.02 -24.73
N MET B 125 8.27 22.07 -24.41
CA MET B 125 8.65 20.73 -23.99
C MET B 125 8.22 19.73 -25.05
N ARG B 126 9.04 18.71 -25.27
CA ARG B 126 8.64 17.53 -26.04
C ARG B 126 9.03 16.29 -25.24
N PHE B 127 8.34 15.18 -25.49
CA PHE B 127 8.83 13.89 -25.01
C PHE B 127 9.89 13.32 -25.96
N HIS B 128 11.04 12.92 -25.44
CA HIS B 128 11.99 12.25 -26.32
C HIS B 128 11.79 10.74 -26.41
N ASP B 129 11.03 10.12 -25.52
CA ASP B 129 10.88 8.67 -25.57
C ASP B 129 9.51 8.20 -26.09
N VAL B 130 8.62 9.10 -26.48
CA VAL B 130 7.32 8.69 -27.01
C VAL B 130 7.50 8.33 -28.48
N ASP B 131 6.89 7.19 -28.92
CA ASP B 131 7.01 6.77 -30.33
C ASP B 131 5.77 6.02 -30.80
N VAL B 132 4.87 6.75 -31.43
CA VAL B 132 3.74 6.18 -32.15
C VAL B 132 3.90 6.63 -33.62
N THR B 133 5.15 6.73 -34.10
CA THR B 133 5.38 7.14 -35.47
C THR B 133 4.83 6.15 -36.48
N ALA B 134 4.60 4.90 -36.07
CA ALA B 134 4.01 3.92 -36.97
C ALA B 134 2.62 4.35 -37.45
N PHE B 135 1.95 5.25 -36.72
CA PHE B 135 0.65 5.75 -37.16
C PHE B 135 0.72 7.15 -37.76
N GLY B 136 1.92 7.62 -38.07
CA GLY B 136 2.05 8.91 -38.69
C GLY B 136 2.18 10.08 -37.76
N TYR B 137 2.37 9.87 -36.44
CA TYR B 137 2.66 10.97 -35.54
C TYR B 137 4.12 11.35 -35.64
N GLU B 138 4.45 12.60 -35.32
CA GLU B 138 5.85 12.99 -35.27
C GLU B 138 6.57 12.20 -34.18
N MET B 139 7.89 12.03 -34.33
CA MET B 139 8.65 11.50 -33.20
C MET B 139 8.37 12.36 -31.98
N GLY B 140 8.16 11.69 -30.86
CA GLY B 140 7.93 12.38 -29.63
C GLY B 140 6.51 12.77 -29.37
N GLN B 141 5.63 12.61 -30.35
CA GLN B 141 4.25 13.05 -30.19
C GLN B 141 3.36 11.90 -29.74
N MET B 142 2.69 12.10 -28.64
CA MET B 142 1.73 11.15 -28.12
C MET B 142 0.45 11.28 -28.92
N ALA B 143 -0.18 10.15 -29.19
CA ALA B 143 -1.50 10.14 -29.83
C ALA B 143 -2.47 11.05 -29.08
N GLN B 144 -3.27 11.78 -29.85
CA GLN B 144 -4.27 12.73 -29.41
C GLN B 144 -3.69 13.96 -28.74
N GLN B 145 -2.38 14.18 -28.83
CA GLN B 145 -1.68 15.30 -28.20
C GLN B 145 -0.93 16.10 -29.26
N PRO B 146 -0.66 17.39 -29.01
CA PRO B 146 0.22 18.11 -29.95
C PRO B 146 1.62 17.52 -29.86
N ALA B 147 2.44 17.83 -30.88
CA ALA B 147 3.80 17.33 -30.90
C ALA B 147 4.69 18.01 -29.85
N ALA B 148 4.41 19.27 -29.52
CA ALA B 148 5.12 19.99 -28.49
C ALA B 148 4.14 20.76 -27.62
N PHE B 149 4.57 21.08 -26.40
CA PHE B 149 3.78 21.87 -25.45
C PHE B 149 4.51 23.18 -25.18
N PRO B 150 4.16 24.26 -25.87
CA PRO B 150 4.85 25.55 -25.64
C PRO B 150 4.53 26.10 -24.26
N CYS B 151 5.58 26.61 -23.61
CA CYS B 151 5.46 27.32 -22.34
C CYS B 151 4.82 28.68 -22.60
N ASP B 152 4.19 29.21 -21.57
CA ASP B 152 3.45 30.45 -21.68
C ASP B 152 4.35 31.63 -22.03
N GLU B 153 3.88 32.47 -22.98
CA GLU B 153 4.67 33.59 -23.50
C GLU B 153 5.03 34.61 -22.42
N THR B 154 4.10 34.85 -21.48
CA THR B 154 4.35 35.76 -20.36
C THR B 154 5.40 35.19 -19.40
N LEU B 155 5.20 33.96 -18.93
CA LEU B 155 6.12 33.34 -17.98
C LEU B 155 7.55 33.28 -18.52
N ILE B 156 7.69 32.85 -19.78
CA ILE B 156 9.01 32.81 -20.41
C ILE B 156 9.69 34.17 -20.31
N ALA B 157 8.96 35.24 -20.67
CA ALA B 157 9.57 36.57 -20.62
C ALA B 157 9.92 36.98 -19.20
N VAL B 158 9.11 36.56 -18.23
CA VAL B 158 9.44 36.91 -16.84
C VAL B 158 10.73 36.20 -16.41
N ALA B 159 10.84 34.91 -16.72
CA ALA B 159 12.09 34.21 -16.42
C ALA B 159 13.26 34.89 -17.12
N GLN B 160 13.07 35.32 -18.37
CA GLN B 160 14.19 35.93 -19.11
C GLN B 160 14.63 37.21 -18.42
N ASP B 161 13.67 37.93 -17.84
CA ASP B 161 13.95 39.18 -17.15
C ASP B 161 14.65 39.00 -15.81
N CYS B 162 14.87 37.78 -15.36
CA CYS B 162 15.42 37.56 -14.03
C CYS B 162 16.92 37.29 -14.03
N LYS B 172 20.23 30.41 -21.44
CA LYS B 172 19.61 29.95 -22.69
C LYS B 172 18.10 29.56 -22.64
N VAL B 173 17.42 29.78 -23.77
CA VAL B 173 15.98 29.56 -23.91
C VAL B 173 15.79 28.57 -25.04
N GLY B 174 15.05 27.49 -24.80
CA GLY B 174 14.83 26.57 -25.89
C GLY B 174 14.13 25.27 -25.52
N LEU B 175 14.36 24.26 -26.35
CA LEU B 175 13.68 22.99 -26.17
C LEU B 175 14.34 22.13 -25.09
N ILE B 176 13.53 21.67 -24.14
CA ILE B 176 13.89 20.62 -23.20
C ILE B 176 13.03 19.41 -23.52
N CYS B 177 13.62 18.21 -23.47
CA CYS B 177 12.86 16.97 -23.68
C CYS B 177 12.81 16.13 -22.41
N THR B 178 11.70 15.41 -22.27
CA THR B 178 11.40 14.56 -21.14
C THR B 178 11.32 13.10 -21.57
N GLY B 179 11.83 12.24 -20.69
CA GLY B 179 11.66 10.80 -20.81
C GLY B 179 11.87 10.13 -19.46
N ASP B 180 11.32 8.94 -19.34
CA ASP B 180 11.44 8.08 -18.17
C ASP B 180 12.73 7.25 -18.17
N GLN B 181 13.82 7.86 -18.62
CA GLN B 181 15.13 7.24 -18.58
C GLN B 181 16.15 8.25 -18.07
N PHE B 182 17.07 7.81 -17.21
CA PHE B 182 18.20 8.67 -16.89
C PHE B 182 19.23 8.50 -18.00
N MET B 183 19.47 9.52 -18.81
CA MET B 183 20.27 9.35 -20.04
C MET B 183 21.78 9.54 -19.83
N CYS B 184 22.55 8.47 -19.85
CA CYS B 184 24.03 8.56 -19.74
C CYS B 184 24.80 7.59 -20.65
N LYS B 185 24.14 6.74 -21.44
CA LYS B 185 24.85 5.76 -22.29
C LYS B 185 25.09 6.39 -23.67
N PRO B 186 26.27 6.26 -24.30
CA PRO B 186 26.52 6.85 -25.60
C PRO B 186 25.41 6.60 -26.65
N ASP B 187 24.89 5.39 -26.78
CA ASP B 187 23.89 5.13 -27.84
C ASP B 187 22.60 5.91 -27.60
N ALA B 188 22.16 5.98 -26.34
CA ALA B 188 20.92 6.68 -26.02
C ALA B 188 21.07 8.18 -26.30
N ILE B 189 22.20 8.75 -25.89
CA ILE B 189 22.39 10.18 -26.10
C ILE B 189 22.45 10.49 -27.60
N ALA B 190 23.13 9.63 -28.36
CA ALA B 190 23.24 9.87 -29.80
C ALA B 190 21.87 9.81 -30.46
N LYS B 191 21.06 8.81 -30.10
CA LYS B 191 19.73 8.74 -30.70
C LYS B 191 18.89 9.97 -30.35
N ALA B 192 18.91 10.39 -29.08
CA ALA B 192 18.13 11.55 -28.70
C ALA B 192 18.59 12.78 -29.46
N ARG B 193 19.91 12.95 -29.58
CA ARG B 193 20.43 14.07 -30.35
C ARG B 193 19.98 13.99 -31.79
N ALA B 194 19.88 12.78 -32.35
CA ALA B 194 19.49 12.63 -33.75
C ALA B 194 18.01 12.95 -33.94
N ASP B 195 17.15 12.47 -33.03
CA ASP B 195 15.72 12.79 -33.13
C ASP B 195 15.44 14.26 -32.87
N PHE B 196 16.24 14.92 -32.03
CA PHE B 196 15.97 16.29 -31.59
C PHE B 196 17.25 17.09 -31.58
N PRO B 197 17.73 17.49 -32.77
CA PRO B 197 18.98 18.26 -32.85
C PRO B 197 18.95 19.58 -32.09
N GLN B 198 17.79 20.18 -31.87
CA GLN B 198 17.70 21.43 -31.14
C GLN B 198 17.46 21.26 -29.63
N MET B 199 17.41 20.03 -29.10
CA MET B 199 17.20 19.81 -27.66
C MET B 199 18.38 20.32 -26.86
N LEU B 200 18.12 21.17 -25.85
CA LEU B 200 19.19 21.74 -25.05
C LEU B 200 19.53 20.89 -23.82
N ALA B 201 18.56 20.17 -23.29
CA ALA B 201 18.70 19.42 -22.06
C ALA B 201 17.59 18.37 -21.96
N VAL B 202 17.76 17.46 -21.00
CA VAL B 202 16.85 16.35 -20.80
C VAL B 202 16.52 16.23 -19.33
N GLU B 203 15.28 15.83 -19.05
CA GLU B 203 14.91 15.56 -17.67
C GLU B 203 13.72 14.60 -17.72
N MET B 204 13.04 14.44 -16.60
CA MET B 204 12.12 13.33 -16.45
C MET B 204 10.70 13.74 -16.08
N GLU B 205 10.36 15.03 -16.07
CA GLU B 205 8.96 15.38 -15.77
C GLU B 205 8.37 16.51 -16.61
N GLY B 206 9.17 17.41 -17.20
CA GLY B 206 8.65 18.69 -17.64
C GLY B 206 7.55 18.58 -18.69
N ALA B 207 7.74 17.72 -19.70
CA ALA B 207 6.70 17.57 -20.71
C ALA B 207 5.47 16.83 -20.19
N ALA B 208 5.59 16.05 -19.12
CA ALA B 208 4.38 15.48 -18.54
C ALA B 208 3.54 16.58 -17.88
N ILE B 209 4.21 17.45 -17.14
CA ILE B 209 3.57 18.59 -16.53
C ILE B 209 2.93 19.45 -17.62
N GLY B 210 3.64 19.65 -18.73
CA GLY B 210 3.09 20.42 -19.83
C GLY B 210 1.86 19.77 -20.46
N GLN B 211 1.88 18.43 -20.62
CA GLN B 211 0.73 17.76 -21.19
C GLN B 211 -0.47 17.90 -20.27
N VAL B 212 -0.27 17.70 -18.97
CA VAL B 212 -1.37 17.84 -18.03
C VAL B 212 -1.92 19.26 -18.06
N CYS B 213 -1.03 20.27 -18.09
CA CYS B 213 -1.51 21.65 -18.16
C CYS B 213 -2.26 21.91 -19.47
N HIS B 214 -1.83 21.28 -20.56
CA HIS B 214 -2.55 21.39 -21.82
C HIS B 214 -3.94 20.80 -21.69
N MET B 215 -4.05 19.66 -21.05
CA MET B 215 -5.32 18.99 -20.89
C MET B 215 -6.23 19.81 -19.96
N PHE B 216 -5.69 20.51 -18.97
CA PHE B 216 -6.48 21.41 -18.15
C PHE B 216 -6.55 22.84 -18.69
N LYS B 217 -5.75 23.19 -19.70
CA LYS B 217 -5.73 24.53 -20.26
C LYS B 217 -5.26 25.57 -19.25
N VAL B 218 -4.07 25.35 -18.72
CA VAL B 218 -3.50 26.22 -17.71
C VAL B 218 -2.09 26.62 -18.16
N PRO B 219 -1.70 27.89 -18.05
CA PRO B 219 -0.33 28.27 -18.44
C PRO B 219 0.73 27.55 -17.63
N TYR B 220 1.85 27.22 -18.27
CA TYR B 220 2.95 26.58 -17.55
C TYR B 220 4.30 27.05 -18.09
N LEU B 221 5.33 26.79 -17.30
CA LEU B 221 6.72 27.06 -17.65
C LEU B 221 7.59 25.99 -17.01
N VAL B 222 8.68 25.60 -17.69
CA VAL B 222 9.71 24.76 -17.09
C VAL B 222 11.02 25.54 -17.06
N VAL B 223 11.65 25.57 -15.86
CA VAL B 223 13.00 26.10 -15.63
C VAL B 223 13.85 24.99 -15.00
N ARG B 224 15.03 24.75 -15.56
CA ARG B 224 15.90 23.70 -15.02
C ARG B 224 17.34 24.18 -14.97
N ALA B 225 18.13 23.59 -14.08
CA ALA B 225 19.55 23.85 -14.00
C ALA B 225 20.31 22.55 -14.16
N MET B 226 21.48 22.64 -14.77
CA MET B 226 22.21 21.43 -15.16
C MET B 226 22.88 20.82 -13.94
N SER B 227 22.51 19.60 -13.61
CA SER B 227 23.20 18.81 -12.61
C SER B 227 24.26 17.89 -13.20
N ASP B 228 24.29 17.76 -14.51
CA ASP B 228 25.22 16.86 -15.19
C ASP B 228 25.15 17.20 -16.67
N ILE B 229 26.19 16.82 -17.39
CA ILE B 229 26.34 17.13 -18.81
C ILE B 229 26.49 15.81 -19.54
N ALA B 230 25.85 15.71 -20.70
CA ALA B 230 25.86 14.47 -21.48
C ALA B 230 27.27 13.95 -21.69
N GLY B 231 27.49 12.69 -21.30
CA GLY B 231 28.75 12.01 -21.51
C GLY B 231 29.79 12.18 -20.44
N LYS B 232 29.56 13.02 -19.43
CA LYS B 232 30.62 13.40 -18.48
C LYS B 232 30.30 12.92 -17.06
N GLU B 233 30.63 11.67 -16.78
CA GLU B 233 30.53 11.11 -15.42
C GLU B 233 29.21 11.50 -14.76
N GLN B 234 28.13 11.17 -15.46
CA GLN B 234 26.85 11.79 -15.12
C GLN B 234 26.27 11.27 -13.83
N VAL B 235 26.44 9.99 -13.52
CA VAL B 235 25.91 9.49 -12.24
C VAL B 235 26.55 10.23 -11.07
N GLU B 236 27.89 10.24 -11.03
CA GLU B 236 28.59 10.95 -9.96
C GLU B 236 28.31 12.44 -10.01
N SER B 237 28.20 13.02 -11.22
CA SER B 237 27.90 14.45 -11.32
C SER B 237 26.56 14.78 -10.69
N PHE B 238 25.52 14.03 -11.06
CA PHE B 238 24.18 14.20 -10.51
C PHE B 238 24.20 14.10 -8.98
N ASP B 239 24.83 13.03 -8.45
CA ASP B 239 24.91 12.85 -7.00
C ASP B 239 25.57 14.05 -6.32
N ALA B 240 26.57 14.62 -6.97
CA ALA B 240 27.31 15.70 -6.33
C ALA B 240 26.64 17.06 -6.49
N PHE B 241 25.94 17.31 -7.61
CA PHE B 241 25.46 18.67 -7.93
C PHE B 241 23.94 18.78 -8.05
N ILE B 242 23.17 17.76 -7.69
CA ILE B 242 21.72 17.93 -7.66
C ILE B 242 21.31 19.08 -6.75
N GLU B 243 22.04 19.31 -5.67
CA GLU B 243 21.61 20.35 -4.75
C GLU B 243 21.92 21.74 -5.30
N VAL B 244 23.04 21.90 -6.00
CA VAL B 244 23.30 23.22 -6.56
C VAL B 244 22.41 23.47 -7.78
N ALA B 245 22.06 22.43 -8.53
CA ALA B 245 21.08 22.60 -9.61
C ALA B 245 19.73 23.00 -9.05
N GLY B 246 19.26 22.28 -8.02
CA GLY B 246 17.97 22.61 -7.44
C GLY B 246 17.95 24.02 -6.89
N LYS B 247 19.06 24.46 -6.32
CA LYS B 247 19.19 25.81 -5.80
C LYS B 247 19.15 26.86 -6.90
N HIS B 248 19.94 26.69 -7.97
CA HIS B 248 19.95 27.72 -9.01
C HIS B 248 18.57 27.86 -9.67
N SER B 249 17.93 26.72 -9.96
CA SER B 249 16.57 26.78 -10.51
C SER B 249 15.60 27.47 -9.55
N ALA B 250 15.67 27.11 -8.27
CA ALA B 250 14.75 27.73 -7.30
C ALA B 250 14.99 29.23 -7.14
N GLU B 251 16.24 29.66 -7.26
CA GLU B 251 16.52 31.09 -7.13
C GLU B 251 15.87 31.86 -8.27
N VAL B 252 15.93 31.30 -9.48
CA VAL B 252 15.22 31.93 -10.60
C VAL B 252 13.74 32.07 -10.26
N ILE B 253 13.13 30.98 -9.78
CA ILE B 253 11.71 31.02 -9.45
C ILE B 253 11.42 32.12 -8.41
N ILE B 254 12.27 32.25 -7.40
CA ILE B 254 12.04 33.26 -6.37
C ILE B 254 12.02 34.66 -6.98
N LYS B 255 12.94 34.92 -7.90
CA LYS B 255 12.94 36.23 -8.56
C LYS B 255 11.71 36.41 -9.44
N MET B 256 11.30 35.34 -10.13
CA MET B 256 10.07 35.42 -10.93
C MET B 256 8.89 35.83 -10.06
N LEU B 257 8.78 35.22 -8.88
CA LEU B 257 7.65 35.55 -8.02
C LEU B 257 7.68 37.02 -7.63
N GLY B 258 8.89 37.52 -7.38
CA GLY B 258 9.05 38.95 -7.13
C GLY B 258 8.51 39.83 -8.26
N LYS B 259 8.52 39.33 -9.49
CA LYS B 259 8.01 40.13 -10.61
C LYS B 259 6.59 39.78 -11.07
N LEU B 260 5.93 38.80 -10.44
CA LEU B 260 4.54 38.48 -10.75
C LEU B 260 3.66 39.19 -9.72
N ALA C 25 -17.85 4.79 47.25
CA ALA C 25 -19.10 4.02 47.50
C ALA C 25 -18.75 2.65 48.08
N MET C 26 -17.45 2.34 48.01
CA MET C 26 -16.91 1.00 48.20
C MET C 26 -17.53 -0.04 47.29
N ASP C 27 -18.29 0.36 46.32
CA ASP C 27 -18.96 -0.54 45.39
C ASP C 27 -18.04 -0.82 44.20
N PRO C 28 -18.13 -2.02 43.62
CA PRO C 28 -17.40 -2.29 42.37
C PRO C 28 -17.91 -1.33 41.31
N GLU C 29 -17.04 -0.45 40.84
CA GLU C 29 -17.45 0.60 39.93
C GLU C 29 -16.51 0.62 38.74
N PHE C 30 -17.08 0.50 37.54
CA PHE C 30 -16.38 0.79 36.30
C PHE C 30 -17.03 2.04 35.69
N MET C 31 -16.35 3.17 35.82
CA MET C 31 -16.95 4.45 35.47
C MET C 31 -16.78 4.82 33.99
N LYS C 32 -15.73 4.34 33.33
CA LYS C 32 -15.59 4.44 31.88
C LYS C 32 -15.49 3.04 31.29
N VAL C 33 -16.43 2.70 30.42
CA VAL C 33 -16.51 1.36 29.86
C VAL C 33 -16.08 1.37 28.41
N GLY C 34 -15.06 0.58 28.08
CA GLY C 34 -14.73 0.35 26.69
C GLY C 34 -15.55 -0.82 26.17
N ILE C 35 -16.05 -0.68 24.95
CA ILE C 35 -16.82 -1.72 24.27
C ILE C 35 -16.22 -1.95 22.88
N ILE C 36 -16.01 -3.21 22.52
CA ILE C 36 -15.34 -3.53 21.26
C ILE C 36 -16.16 -4.55 20.49
N GLY C 37 -16.42 -4.23 19.23
CA GLY C 37 -17.01 -5.17 18.30
C GLY C 37 -16.20 -5.13 17.02
N ALA C 38 -16.17 -6.26 16.33
CA ALA C 38 -15.32 -6.41 15.18
C ALA C 38 -15.92 -5.73 13.96
N MET C 39 -17.21 -5.93 13.72
CA MET C 39 -17.81 -5.50 12.47
C MET C 39 -18.98 -4.56 12.74
N GLU C 40 -19.31 -3.78 11.72
CA GLU C 40 -20.42 -2.83 11.84
C GLU C 40 -21.68 -3.46 12.42
N GLN C 41 -21.97 -4.70 12.05
CA GLN C 41 -23.16 -5.39 12.55
C GLN C 41 -23.09 -5.64 14.05
N GLU C 42 -21.89 -5.64 14.62
CA GLU C 42 -21.73 -5.85 16.04
C GLU C 42 -21.77 -4.55 16.84
N VAL C 43 -21.57 -3.40 16.21
CA VAL C 43 -21.56 -2.13 16.94
C VAL C 43 -22.68 -1.17 16.54
N ALA C 44 -23.47 -1.46 15.50
CA ALA C 44 -24.39 -0.43 14.98
C ALA C 44 -25.47 -0.06 16.01
N LEU C 45 -26.12 -1.05 16.61
CA LEU C 45 -27.13 -0.75 17.61
C LEU C 45 -26.55 0.10 18.73
N LEU C 46 -25.42 -0.33 19.28
CA LEU C 46 -24.80 0.40 20.38
C LEU C 46 -24.53 1.84 20.00
N ARG C 47 -23.95 2.05 18.83
CA ARG C 47 -23.64 3.41 18.39
C ARG C 47 -24.92 4.24 18.27
N SER C 48 -25.99 3.63 17.76
CA SER C 48 -27.21 4.40 17.56
C SER C 48 -27.85 4.77 18.88
N GLN C 49 -27.56 4.04 19.94
CA GLN C 49 -28.11 4.43 21.22
C GLN C 49 -27.20 5.40 21.98
N MET C 50 -26.16 5.90 21.34
CA MET C 50 -25.23 6.81 22.00
C MET C 50 -25.64 8.25 21.76
N SER C 51 -25.51 9.07 22.80
CA SER C 51 -25.91 10.48 22.76
C SER C 51 -24.79 11.31 22.12
N ASN C 52 -25.04 11.76 20.89
CA ASN C 52 -24.11 12.55 20.09
C ASN C 52 -22.66 12.11 20.26
N PRO C 53 -22.31 10.95 19.72
CA PRO C 53 -20.93 10.49 19.87
C PRO C 53 -19.95 11.29 19.03
N THR C 54 -18.81 11.59 19.62
CA THR C 54 -17.61 11.91 18.86
C THR C 54 -17.12 10.69 18.09
N THR C 55 -16.54 10.91 16.91
CA THR C 55 -15.95 9.83 16.12
C THR C 55 -14.46 10.09 15.82
N LEU C 56 -13.59 9.16 16.19
CA LEU C 56 -12.17 9.20 15.90
C LEU C 56 -11.79 8.06 14.95
N GLN C 57 -11.05 8.40 13.90
CA GLN C 57 -10.49 7.41 12.98
C GLN C 57 -8.99 7.33 13.25
N LEU C 58 -8.51 6.15 13.66
CA LEU C 58 -7.10 6.02 13.99
C LEU C 58 -6.66 4.58 13.84
N GLY C 59 -5.52 4.37 13.19
CA GLY C 59 -4.96 3.04 13.08
C GLY C 59 -5.79 2.07 12.28
N GLY C 60 -6.69 2.57 11.45
CA GLY C 60 -7.60 1.72 10.73
C GLY C 60 -8.81 1.29 11.51
N CYS C 61 -9.00 1.84 12.70
CA CYS C 61 -10.13 1.51 13.56
C CYS C 61 -10.96 2.77 13.77
N GLU C 62 -12.17 2.57 14.30
CA GLU C 62 -12.96 3.72 14.71
C GLU C 62 -13.30 3.63 16.21
N PHE C 63 -13.34 4.82 16.84
CA PHE C 63 -13.67 4.97 18.26
C PHE C 63 -14.75 6.05 18.40
N TYR C 64 -15.84 5.74 19.10
CA TYR C 64 -16.94 6.66 19.35
C TYR C 64 -17.01 6.91 20.85
N GLN C 65 -16.89 8.16 21.25
CA GLN C 65 -17.02 8.52 22.65
C GLN C 65 -18.36 9.15 22.96
N GLY C 66 -18.94 8.78 24.09
CA GLY C 66 -20.16 9.43 24.53
C GLY C 66 -20.82 8.66 25.64
N THR C 67 -22.04 9.06 25.98
CA THR C 67 -22.81 8.39 27.01
C THR C 67 -23.80 7.43 26.37
N LEU C 68 -23.96 6.27 27.01
CA LEU C 68 -24.81 5.21 26.52
C LEU C 68 -25.48 4.58 27.71
N ALA C 69 -26.81 4.62 27.75
CA ALA C 69 -27.57 4.01 28.83
C ALA C 69 -27.05 4.50 30.18
N GLY C 70 -26.69 5.79 30.25
CA GLY C 70 -26.23 6.41 31.47
C GLY C 70 -24.74 6.37 31.70
N LYS C 71 -24.00 5.55 30.95
CA LYS C 71 -22.60 5.28 31.24
C LYS C 71 -21.69 6.00 30.25
N GLU C 72 -20.57 6.51 30.75
CA GLU C 72 -19.52 7.03 29.90
C GLU C 72 -18.80 5.87 29.20
N VAL C 73 -18.85 5.85 27.86
CA VAL C 73 -18.31 4.72 27.11
C VAL C 73 -17.49 5.20 25.93
N ILE C 74 -16.55 4.35 25.54
CA ILE C 74 -15.83 4.41 24.28
C ILE C 74 -16.15 3.11 23.56
N LEU C 75 -16.84 3.21 22.45
CA LEU C 75 -17.22 2.09 21.62
C LEU C 75 -16.20 1.99 20.50
N THR C 76 -15.72 0.78 20.24
CA THR C 76 -14.68 0.60 19.23
C THR C 76 -15.11 -0.40 18.18
N ARG C 77 -14.89 -0.03 16.92
CA ARG C 77 -15.07 -0.94 15.78
C ARG C 77 -13.66 -1.31 15.35
N SER C 78 -13.28 -2.56 15.61
CA SER C 78 -11.88 -2.95 15.52
C SER C 78 -11.48 -3.45 14.14
N GLY C 79 -12.39 -4.08 13.40
CA GLY C 79 -12.02 -4.99 12.34
C GLY C 79 -11.92 -6.43 12.81
N ILE C 80 -11.73 -7.34 11.84
CA ILE C 80 -11.76 -8.79 12.08
C ILE C 80 -10.36 -9.33 12.32
N GLY C 81 -10.24 -10.28 13.24
CA GLY C 81 -9.03 -11.05 13.39
C GLY C 81 -8.15 -10.56 14.53
N LYS C 82 -7.16 -11.39 14.85
CA LYS C 82 -6.38 -11.14 16.06
C LYS C 82 -5.61 -9.82 15.98
N VAL C 83 -5.03 -9.53 14.81
CA VAL C 83 -4.18 -8.34 14.68
C VAL C 83 -5.01 -7.06 14.78
N ALA C 84 -6.09 -6.95 14.00
CA ALA C 84 -6.92 -5.75 14.09
C ALA C 84 -7.46 -5.56 15.51
N ALA C 85 -7.91 -6.65 16.15
CA ALA C 85 -8.43 -6.56 17.51
C ALA C 85 -7.38 -6.03 18.47
N SER C 86 -6.13 -6.43 18.28
CA SER C 86 -5.04 -6.01 19.15
C SER C 86 -4.69 -4.55 18.95
N VAL C 87 -4.65 -4.11 17.70
CA VAL C 87 -4.49 -2.69 17.43
C VAL C 87 -5.61 -1.89 18.10
N ALA C 88 -6.88 -2.27 17.86
CA ALA C 88 -7.99 -1.51 18.42
C ALA C 88 -7.92 -1.46 19.94
N THR C 89 -7.66 -2.61 20.58
CA THR C 89 -7.62 -2.65 22.03
C THR C 89 -6.45 -1.83 22.58
N SER C 90 -5.26 -1.95 21.99
CA SER C 90 -4.12 -1.21 22.48
C SER C 90 -4.36 0.30 22.35
N LEU C 91 -4.95 0.73 21.23
CA LEU C 91 -5.24 2.15 21.07
C LEU C 91 -6.29 2.60 22.07
N LEU C 92 -7.37 1.84 22.19
CA LEU C 92 -8.40 2.12 23.19
C LEU C 92 -7.79 2.33 24.57
N LEU C 93 -6.94 1.40 25.01
CA LEU C 93 -6.38 1.49 26.35
C LEU C 93 -5.45 2.69 26.45
N GLU C 94 -4.57 2.87 25.46
CA GLU C 94 -3.55 3.90 25.56
C GLU C 94 -4.17 5.29 25.50
N LYS C 95 -5.17 5.48 24.66
CA LYS C 95 -5.70 6.83 24.43
C LYS C 95 -6.85 7.18 25.35
N PHE C 96 -7.70 6.23 25.74
CA PHE C 96 -8.92 6.53 26.49
C PHE C 96 -8.91 5.97 27.91
N ALA C 97 -8.08 4.97 28.20
CA ALA C 97 -7.93 4.43 29.54
C ALA C 97 -9.27 4.10 30.20
N PRO C 98 -10.07 3.23 29.60
CA PRO C 98 -11.29 2.78 30.27
C PRO C 98 -10.99 1.93 31.48
N ASP C 99 -11.99 1.79 32.34
CA ASP C 99 -11.84 0.95 33.52
C ASP C 99 -12.08 -0.52 33.25
N CYS C 100 -12.75 -0.86 32.15
CA CYS C 100 -12.93 -2.25 31.80
C CYS C 100 -13.18 -2.29 30.30
N VAL C 101 -13.05 -3.47 29.72
CA VAL C 101 -13.30 -3.66 28.30
C VAL C 101 -14.26 -4.82 28.13
N ILE C 102 -15.35 -4.59 27.39
CA ILE C 102 -16.32 -5.63 27.07
C ILE C 102 -16.33 -5.82 25.56
N ASN C 103 -16.09 -7.05 25.11
CA ASN C 103 -16.13 -7.46 23.71
C ASN C 103 -17.49 -8.10 23.43
N THR C 104 -18.16 -7.66 22.36
CA THR C 104 -19.46 -8.19 22.03
C THR C 104 -19.45 -8.68 20.58
N GLY C 105 -20.27 -9.69 20.31
CA GLY C 105 -20.42 -9.98 18.90
C GLY C 105 -20.98 -11.38 18.68
N SER C 106 -20.57 -11.98 17.58
CA SER C 106 -21.02 -13.29 17.18
C SER C 106 -19.92 -14.35 17.31
N ALA C 107 -20.35 -15.60 17.28
CA ALA C 107 -19.45 -16.74 17.41
C ALA C 107 -20.07 -17.99 16.80
N GLY C 108 -19.23 -19.01 16.67
CA GLY C 108 -19.64 -20.32 16.17
C GLY C 108 -19.71 -21.29 17.31
N GLY C 109 -20.84 -22.02 17.38
CA GLY C 109 -21.16 -22.87 18.52
C GLY C 109 -20.62 -24.27 18.35
N PHE C 110 -19.97 -24.77 19.41
CA PHE C 110 -19.39 -26.10 19.48
C PHE C 110 -20.07 -27.01 20.50
N ALA C 111 -20.57 -26.45 21.60
CA ALA C 111 -21.15 -27.25 22.66
C ALA C 111 -22.50 -27.84 22.27
N GLN C 112 -22.79 -29.03 22.80
CA GLN C 112 -23.90 -29.85 22.32
C GLN C 112 -25.23 -29.11 22.37
N ASP C 113 -25.48 -28.36 23.44
CA ASP C 113 -26.81 -27.74 23.66
C ASP C 113 -26.90 -26.31 23.15
N LEU C 114 -25.92 -25.83 22.37
CA LEU C 114 -25.95 -24.47 21.80
C LEU C 114 -26.75 -24.48 20.50
N HIS C 115 -27.42 -23.37 20.20
CA HIS C 115 -28.27 -23.17 19.01
C HIS C 115 -28.04 -21.76 18.48
N ILE C 116 -28.43 -21.52 17.24
CA ILE C 116 -28.38 -20.19 16.58
C ILE C 116 -29.06 -19.18 17.51
N GLY C 117 -28.37 -18.11 17.91
CA GLY C 117 -28.96 -17.03 18.72
C GLY C 117 -28.66 -17.14 20.20
N ASP C 118 -28.13 -18.28 20.64
CA ASP C 118 -27.81 -18.51 22.07
C ASP C 118 -26.62 -17.64 22.44
N VAL C 119 -26.60 -17.10 23.66
CA VAL C 119 -25.51 -16.28 24.18
C VAL C 119 -24.58 -17.17 25.00
N VAL C 120 -23.28 -16.93 24.86
CA VAL C 120 -22.26 -17.49 25.74
C VAL C 120 -21.53 -16.33 26.42
N ILE C 121 -21.39 -16.44 27.74
CA ILE C 121 -20.56 -15.53 28.52
C ILE C 121 -19.25 -16.24 28.78
N ALA C 122 -18.14 -15.61 28.40
CA ALA C 122 -16.85 -16.25 28.54
C ALA C 122 -16.39 -16.18 29.99
N SER C 123 -16.00 -17.34 30.53
CA SER C 123 -15.28 -17.37 31.82
C SER C 123 -13.80 -17.04 31.62
N GLU C 124 -13.26 -17.51 30.51
CA GLU C 124 -11.87 -17.30 30.15
C GLU C 124 -11.81 -17.44 28.64
N MET C 125 -10.78 -16.87 28.06
CA MET C 125 -10.51 -16.99 26.63
C MET C 125 -9.21 -17.76 26.44
N ARG C 126 -9.13 -18.56 25.39
CA ARG C 126 -7.86 -19.15 25.01
C ARG C 126 -7.75 -19.05 23.50
N PHE C 127 -6.54 -19.19 22.99
CA PHE C 127 -6.33 -19.36 21.56
C PHE C 127 -6.38 -20.84 21.17
N HIS C 128 -7.19 -21.18 20.15
CA HIS C 128 -7.14 -22.57 19.69
C HIS C 128 -6.08 -22.77 18.61
N ASP C 129 -5.57 -21.71 17.99
CA ASP C 129 -4.60 -21.88 16.92
C ASP C 129 -3.16 -21.61 17.33
N VAL C 130 -2.89 -21.23 18.58
CA VAL C 130 -1.50 -20.97 18.99
C VAL C 130 -0.84 -22.31 19.34
N ASP C 131 0.36 -22.58 18.82
CA ASP C 131 1.10 -23.82 19.12
C ASP C 131 2.61 -23.59 19.23
N VAL C 132 3.08 -23.44 20.47
CA VAL C 132 4.49 -23.38 20.83
C VAL C 132 4.79 -24.53 21.78
N THR C 133 4.01 -25.61 21.66
CA THR C 133 4.18 -26.76 22.55
C THR C 133 5.58 -27.37 22.46
N ALA C 134 6.24 -27.22 21.32
CA ALA C 134 7.59 -27.78 21.20
C ALA C 134 8.55 -27.20 22.25
N PHE C 135 8.20 -26.06 22.85
CA PHE C 135 9.01 -25.43 23.89
C PHE C 135 8.39 -25.58 25.28
N GLY C 136 7.46 -26.51 25.44
CA GLY C 136 6.92 -26.83 26.74
C GLY C 136 5.69 -26.05 27.16
N TYR C 137 5.28 -25.05 26.40
CA TYR C 137 4.05 -24.33 26.70
C TYR C 137 2.87 -25.23 26.41
N GLU C 138 1.79 -25.01 27.17
CA GLU C 138 0.49 -25.66 26.94
C GLU C 138 -0.02 -25.40 25.52
N MET C 139 -0.88 -26.31 25.00
CA MET C 139 -1.61 -26.07 23.75
C MET C 139 -2.39 -24.75 23.88
N GLY C 140 -2.22 -23.84 22.92
CA GLY C 140 -2.90 -22.55 22.92
C GLY C 140 -2.22 -21.46 23.72
N GLN C 141 -1.15 -21.78 24.42
CA GLN C 141 -0.44 -20.78 25.21
C GLN C 141 0.66 -20.15 24.38
N MET C 142 0.56 -18.86 24.14
CA MET C 142 1.65 -18.12 23.51
C MET C 142 2.82 -17.98 24.49
N ALA C 143 4.03 -18.20 23.99
CA ALA C 143 5.24 -17.91 24.74
C ALA C 143 5.15 -16.52 25.38
N GLN C 144 5.45 -16.45 26.69
CA GLN C 144 5.48 -15.24 27.51
C GLN C 144 4.10 -14.82 28.02
N GLN C 145 3.04 -15.57 27.72
CA GLN C 145 1.69 -15.25 28.13
C GLN C 145 1.16 -16.37 29.02
N PRO C 146 0.10 -16.12 29.78
CA PRO C 146 -0.57 -17.22 30.48
C PRO C 146 -1.30 -18.10 29.47
N ALA C 147 -1.60 -19.31 29.89
CA ALA C 147 -2.28 -20.24 29.02
C ALA C 147 -3.71 -19.80 28.72
N ALA C 148 -4.34 -19.11 29.66
CA ALA C 148 -5.72 -18.66 29.57
C ALA C 148 -5.82 -17.25 30.10
N PHE C 149 -6.85 -16.52 29.65
CA PHE C 149 -7.11 -15.13 30.06
C PHE C 149 -8.48 -15.05 30.74
N PRO C 150 -8.53 -15.18 32.06
CA PRO C 150 -9.82 -15.18 32.74
C PRO C 150 -10.53 -13.82 32.65
N CYS C 151 -11.83 -13.87 32.35
CA CYS C 151 -12.63 -12.67 32.40
C CYS C 151 -12.91 -12.26 33.86
N ASP C 152 -13.14 -10.97 34.04
CA ASP C 152 -13.37 -10.41 35.36
C ASP C 152 -14.62 -11.00 36.01
N GLU C 153 -14.47 -11.43 37.25
CA GLU C 153 -15.55 -12.19 37.86
C GLU C 153 -16.75 -11.31 38.19
N THR C 154 -16.52 -10.01 38.42
CA THR C 154 -17.63 -9.08 38.58
C THR C 154 -18.37 -8.88 37.27
N LEU C 155 -17.62 -8.69 36.18
CA LEU C 155 -18.25 -8.56 34.88
C LEU C 155 -19.05 -9.78 34.53
N ILE C 156 -18.54 -10.98 34.84
CA ILE C 156 -19.29 -12.20 34.56
C ILE C 156 -20.59 -12.22 35.34
N ALA C 157 -20.52 -11.93 36.65
CA ALA C 157 -21.74 -11.98 37.47
C ALA C 157 -22.79 -11.00 36.96
N VAL C 158 -22.36 -9.78 36.60
CA VAL C 158 -23.29 -8.79 36.06
C VAL C 158 -23.94 -9.31 34.77
N ALA C 159 -23.12 -9.85 33.85
CA ALA C 159 -23.69 -10.39 32.62
C ALA C 159 -24.73 -11.47 32.90
N GLN C 160 -24.43 -12.36 33.85
CA GLN C 160 -25.39 -13.40 34.21
C GLN C 160 -26.69 -12.81 34.76
N ASP C 161 -26.57 -11.75 35.58
CA ASP C 161 -27.76 -11.06 36.10
C ASP C 161 -28.71 -10.66 34.97
N CYS C 162 -28.19 -9.98 33.97
CA CYS C 162 -28.83 -9.83 32.66
C CYS C 162 -29.01 -11.22 32.03
N LYS C 172 -25.39 -19.80 29.53
CA LYS C 172 -24.15 -20.60 29.48
C LYS C 172 -22.82 -19.80 29.63
N VAL C 173 -21.98 -20.28 30.55
CA VAL C 173 -20.74 -19.61 30.94
C VAL C 173 -19.62 -20.61 30.81
N GLY C 174 -18.51 -20.21 30.18
CA GLY C 174 -17.40 -21.14 30.05
C GLY C 174 -16.39 -20.67 29.02
N LEU C 175 -15.70 -21.62 28.42
CA LEU C 175 -14.54 -21.29 27.60
C LEU C 175 -14.96 -20.98 26.17
N ILE C 176 -14.49 -19.85 25.67
CA ILE C 176 -14.49 -19.52 24.24
C ILE C 176 -13.03 -19.50 23.76
N CYS C 177 -12.80 -20.01 22.54
CA CYS C 177 -11.47 -20.01 21.95
C CYS C 177 -11.41 -19.15 20.69
N THR C 178 -10.25 -18.55 20.46
CA THR C 178 -10.04 -17.59 19.40
C THR C 178 -8.99 -18.13 18.42
N GLY C 179 -9.21 -17.89 17.14
CA GLY C 179 -8.21 -18.23 16.14
C GLY C 179 -8.45 -17.41 14.91
N ASP C 180 -7.43 -17.33 14.07
CA ASP C 180 -7.51 -16.56 12.83
C ASP C 180 -8.02 -17.41 11.67
N GLN C 181 -9.04 -18.22 11.94
CA GLN C 181 -9.62 -19.12 10.93
C GLN C 181 -11.15 -19.15 11.08
N PHE C 182 -11.89 -19.18 9.98
CA PHE C 182 -13.36 -19.39 10.04
C PHE C 182 -13.54 -20.91 10.13
N MET C 183 -13.79 -21.45 11.32
CA MET C 183 -13.88 -22.89 11.64
C MET C 183 -15.14 -23.54 11.05
N CYS C 184 -15.06 -24.12 9.87
CA CYS C 184 -16.23 -24.84 9.29
C CYS C 184 -15.89 -26.21 8.68
N LYS C 185 -14.64 -26.59 8.44
CA LYS C 185 -14.36 -27.90 7.84
C LYS C 185 -14.21 -28.96 8.93
N PRO C 186 -14.64 -30.20 8.66
CA PRO C 186 -14.72 -31.17 9.78
C PRO C 186 -13.38 -31.52 10.42
N ASP C 187 -12.29 -31.65 9.66
CA ASP C 187 -11.02 -31.98 10.30
C ASP C 187 -10.59 -30.89 11.29
N ALA C 188 -10.79 -29.62 10.92
CA ALA C 188 -10.34 -28.55 11.79
C ALA C 188 -11.20 -28.43 13.04
N ILE C 189 -12.50 -28.67 12.89
CA ILE C 189 -13.41 -28.69 14.02
C ILE C 189 -13.06 -29.83 14.97
N ALA C 190 -12.77 -31.01 14.42
CA ALA C 190 -12.38 -32.15 15.26
C ALA C 190 -11.06 -31.91 15.98
N LYS C 191 -10.08 -31.32 15.31
CA LYS C 191 -8.84 -30.97 16.01
C LYS C 191 -9.13 -30.00 17.16
N ALA C 192 -9.93 -28.97 16.90
CA ALA C 192 -10.22 -28.02 17.98
C ALA C 192 -10.94 -28.69 19.13
N ARG C 193 -11.81 -29.66 18.84
CA ARG C 193 -12.57 -30.30 19.91
C ARG C 193 -11.64 -31.18 20.75
N ALA C 194 -10.71 -31.88 20.09
CA ALA C 194 -9.74 -32.71 20.80
C ALA C 194 -8.79 -31.88 21.62
N ASP C 195 -8.34 -30.73 21.09
CA ASP C 195 -7.41 -29.89 21.84
C ASP C 195 -8.09 -29.26 23.06
N PHE C 196 -9.35 -28.84 22.93
CA PHE C 196 -10.03 -28.05 23.96
C PHE C 196 -11.40 -28.64 24.21
N PRO C 197 -11.45 -29.81 24.89
CA PRO C 197 -12.74 -30.51 25.03
C PRO C 197 -13.84 -29.67 25.67
N GLN C 198 -13.53 -28.64 26.46
CA GLN C 198 -14.60 -27.86 27.07
C GLN C 198 -14.81 -26.49 26.41
N MET C 199 -14.25 -26.27 25.22
CA MET C 199 -14.51 -25.08 24.43
C MET C 199 -15.99 -25.06 24.05
N LEU C 200 -16.67 -23.94 24.30
CA LEU C 200 -18.09 -23.86 24.00
C LEU C 200 -18.37 -23.21 22.64
N ALA C 201 -17.47 -22.37 22.19
CA ALA C 201 -17.66 -21.57 20.97
C ALA C 201 -16.29 -21.11 20.49
N VAL C 202 -16.25 -20.62 19.25
CA VAL C 202 -15.03 -20.10 18.63
C VAL C 202 -15.34 -18.78 17.93
N GLU C 203 -14.40 -17.86 18.01
CA GLU C 203 -14.49 -16.59 17.28
C GLU C 203 -13.07 -16.19 16.91
N MET C 204 -12.92 -14.96 16.40
CA MET C 204 -11.66 -14.54 15.81
C MET C 204 -10.99 -13.35 16.51
N GLU C 205 -11.50 -12.88 17.69
CA GLU C 205 -10.88 -11.75 18.36
C GLU C 205 -10.75 -11.86 19.87
N GLY C 206 -11.60 -12.63 20.56
CA GLY C 206 -11.73 -12.50 22.02
C GLY C 206 -10.44 -12.67 22.81
N ALA C 207 -9.65 -13.69 22.48
CA ALA C 207 -8.43 -13.92 23.23
C ALA C 207 -7.37 -12.89 22.91
N ALA C 208 -7.41 -12.28 21.73
CA ALA C 208 -6.48 -11.18 21.45
C ALA C 208 -6.81 -9.98 22.33
N ILE C 209 -8.09 -9.68 22.47
CA ILE C 209 -8.50 -8.60 23.35
C ILE C 209 -8.10 -8.92 24.78
N GLY C 210 -8.33 -10.16 25.21
CA GLY C 210 -7.93 -10.57 26.55
C GLY C 210 -6.43 -10.51 26.76
N GLN C 211 -5.65 -10.88 25.75
CA GLN C 211 -4.19 -10.79 25.88
C GLN C 211 -3.74 -9.35 26.02
N VAL C 212 -4.30 -8.46 25.21
CA VAL C 212 -3.91 -7.07 25.33
C VAL C 212 -4.34 -6.51 26.71
N CYS C 213 -5.55 -6.83 27.18
CA CYS C 213 -5.97 -6.41 28.51
C CYS C 213 -5.06 -6.98 29.60
N HIS C 214 -4.53 -8.16 29.40
CA HIS C 214 -3.59 -8.70 30.37
C HIS C 214 -2.28 -7.91 30.32
N MET C 215 -1.80 -7.63 29.12
CA MET C 215 -0.58 -6.86 28.97
C MET C 215 -0.71 -5.48 29.60
N PHE C 216 -1.93 -4.92 29.63
CA PHE C 216 -2.13 -3.61 30.27
C PHE C 216 -2.74 -3.71 31.66
N LYS C 217 -3.16 -4.89 32.10
CA LYS C 217 -3.80 -5.14 33.38
C LYS C 217 -5.11 -4.35 33.53
N VAL C 218 -6.04 -4.65 32.63
CA VAL C 218 -7.36 -4.03 32.59
C VAL C 218 -8.40 -5.13 32.60
N PRO C 219 -9.42 -5.07 33.45
CA PRO C 219 -10.46 -6.11 33.45
C PRO C 219 -11.20 -6.16 32.12
N TYR C 220 -11.63 -7.36 31.72
CA TYR C 220 -12.31 -7.51 30.44
C TYR C 220 -13.30 -8.67 30.52
N LEU C 221 -14.24 -8.67 29.56
CA LEU C 221 -15.24 -9.70 29.42
C LEU C 221 -15.56 -9.86 27.94
N VAL C 222 -15.88 -11.09 27.54
CA VAL C 222 -16.33 -11.41 26.19
C VAL C 222 -17.74 -12.02 26.30
N VAL C 223 -18.66 -11.48 25.50
CA VAL C 223 -20.02 -11.96 25.37
C VAL C 223 -20.31 -12.16 23.90
N ARG C 224 -20.79 -13.34 23.53
CA ARG C 224 -21.02 -13.64 22.13
C ARG C 224 -22.38 -14.30 21.96
N ALA C 225 -23.03 -14.08 20.80
CA ALA C 225 -24.21 -14.83 20.39
C ALA C 225 -23.91 -15.64 19.14
N MET C 226 -24.49 -16.83 19.06
CA MET C 226 -24.10 -17.81 18.06
C MET C 226 -24.74 -17.45 16.73
N SER C 227 -23.93 -17.21 15.73
CA SER C 227 -24.43 -17.02 14.37
C SER C 227 -24.39 -18.31 13.54
N ASP C 228 -23.75 -19.36 14.06
CA ASP C 228 -23.68 -20.60 13.31
C ASP C 228 -23.23 -21.69 14.27
N ILE C 229 -23.40 -22.94 13.87
CA ILE C 229 -23.14 -24.09 14.71
C ILE C 229 -22.21 -25.03 13.96
N ALA C 230 -21.14 -25.45 14.62
CA ALA C 230 -20.19 -26.39 14.04
C ALA C 230 -20.89 -27.57 13.38
N GLY C 231 -20.52 -27.86 12.14
CA GLY C 231 -21.01 -29.01 11.43
C GLY C 231 -22.23 -28.75 10.57
N LYS C 232 -22.94 -27.67 10.81
CA LYS C 232 -24.07 -27.29 9.98
C LYS C 232 -23.52 -26.46 8.82
N GLU C 233 -24.40 -25.84 8.06
CA GLU C 233 -24.01 -25.01 6.91
C GLU C 233 -23.58 -23.65 7.44
N GLN C 234 -22.33 -23.55 7.85
CA GLN C 234 -21.93 -22.42 8.68
C GLN C 234 -21.76 -21.14 7.88
N VAL C 235 -21.30 -21.22 6.63
CA VAL C 235 -21.11 -20.00 5.84
C VAL C 235 -22.45 -19.31 5.61
N GLU C 236 -23.42 -20.09 5.11
CA GLU C 236 -24.77 -19.58 4.88
C GLU C 236 -25.43 -19.14 6.18
N SER C 237 -25.29 -19.93 7.24
CA SER C 237 -25.83 -19.51 8.54
C SER C 237 -25.28 -18.15 8.92
N PHE C 238 -23.96 -18.02 8.88
CA PHE C 238 -23.31 -16.81 9.32
C PHE C 238 -23.83 -15.62 8.54
N ASP C 239 -23.91 -15.75 7.22
CA ASP C 239 -24.46 -14.66 6.41
C ASP C 239 -25.89 -14.31 6.87
N ALA C 240 -26.69 -15.31 7.19
CA ALA C 240 -28.09 -15.03 7.48
C ALA C 240 -28.31 -14.51 8.90
N PHE C 241 -27.41 -14.83 9.83
CA PHE C 241 -27.67 -14.60 11.23
C PHE C 241 -26.71 -13.63 11.89
N ILE C 242 -25.70 -13.14 11.18
CA ILE C 242 -24.77 -12.24 11.82
C ILE C 242 -25.47 -10.98 12.34
N GLU C 243 -26.43 -10.42 11.60
CA GLU C 243 -26.99 -9.16 12.08
C GLU C 243 -27.81 -9.37 13.36
N VAL C 244 -28.67 -10.39 13.38
CA VAL C 244 -29.48 -10.60 14.58
C VAL C 244 -28.63 -11.09 15.75
N ALA C 245 -27.60 -11.91 15.48
CA ALA C 245 -26.71 -12.31 16.57
C ALA C 245 -25.97 -11.10 17.16
N GLY C 246 -25.40 -10.25 16.30
CA GLY C 246 -24.75 -9.05 16.80
C GLY C 246 -25.68 -8.19 17.62
N LYS C 247 -26.95 -8.10 17.19
CA LYS C 247 -27.93 -7.35 17.96
C LYS C 247 -28.15 -7.97 19.34
N HIS C 248 -28.36 -9.29 19.41
CA HIS C 248 -28.70 -9.86 20.71
C HIS C 248 -27.54 -9.73 21.69
N SER C 249 -26.32 -9.88 21.19
CA SER C 249 -25.14 -9.70 22.05
C SER C 249 -25.09 -8.27 22.58
N ALA C 250 -25.22 -7.30 21.68
CA ALA C 250 -25.19 -5.89 22.07
C ALA C 250 -26.29 -5.55 23.07
N GLU C 251 -27.44 -6.24 22.98
CA GLU C 251 -28.53 -6.01 23.92
C GLU C 251 -28.19 -6.50 25.33
N VAL C 252 -27.49 -7.64 25.42
CA VAL C 252 -26.89 -8.00 26.72
C VAL C 252 -26.04 -6.85 27.23
N ILE C 253 -25.16 -6.32 26.39
CA ILE C 253 -24.25 -5.27 26.83
C ILE C 253 -25.02 -4.04 27.33
N ILE C 254 -26.10 -3.67 26.64
CA ILE C 254 -26.87 -2.48 27.06
C ILE C 254 -27.46 -2.70 28.45
N LYS C 255 -28.04 -3.87 28.67
CA LYS C 255 -28.52 -4.19 30.01
C LYS C 255 -27.39 -4.10 31.03
N MET C 256 -26.22 -4.68 30.70
CA MET C 256 -25.08 -4.65 31.62
C MET C 256 -24.74 -3.22 32.03
N LEU C 257 -24.69 -2.31 31.04
CA LEU C 257 -24.35 -0.93 31.34
C LEU C 257 -25.34 -0.32 32.31
N GLY C 258 -26.60 -0.76 32.24
CA GLY C 258 -27.54 -0.40 33.30
C GLY C 258 -27.01 -0.64 34.71
N LYS C 259 -26.24 -1.72 34.90
CA LYS C 259 -25.94 -2.24 36.23
C LYS C 259 -24.49 -2.05 36.65
N LEU C 260 -23.70 -1.29 35.90
CA LEU C 260 -22.30 -1.11 36.25
C LEU C 260 -22.04 0.26 36.88
N GLY D 24 19.95 6.57 -2.05
CA GLY D 24 20.61 7.38 -3.10
C GLY D 24 19.92 8.71 -3.25
N ALA D 25 20.43 9.54 -4.14
CA ALA D 25 19.93 10.91 -4.26
C ALA D 25 18.45 10.97 -4.63
N MET D 26 17.95 9.98 -5.36
CA MET D 26 16.56 10.01 -5.81
C MET D 26 15.58 9.35 -4.84
N ASP D 27 16.07 8.71 -3.78
CA ASP D 27 15.22 7.96 -2.88
C ASP D 27 14.55 8.83 -1.83
N PRO D 28 13.35 8.47 -1.40
CA PRO D 28 12.74 9.14 -0.24
C PRO D 28 13.66 9.05 0.96
N GLU D 29 13.50 9.99 1.88
CA GLU D 29 14.25 10.05 3.11
C GLU D 29 13.45 9.49 4.28
N PHE D 30 14.17 8.98 5.27
CA PHE D 30 13.57 8.41 6.47
C PHE D 30 14.31 9.01 7.66
N MET D 31 13.67 9.91 8.38
CA MET D 31 14.36 10.70 9.38
C MET D 31 14.29 10.09 10.78
N LYS D 32 13.22 9.37 11.10
CA LYS D 32 13.03 8.76 12.41
C LYS D 32 12.62 7.31 12.16
N VAL D 33 13.46 6.36 12.58
CA VAL D 33 13.37 4.97 12.17
C VAL D 33 12.94 4.13 13.36
N GLY D 34 11.83 3.42 13.21
CA GLY D 34 11.40 2.46 14.20
C GLY D 34 12.00 1.11 13.84
N ILE D 35 12.48 0.43 14.87
CA ILE D 35 13.07 -0.89 14.76
C ILE D 35 12.42 -1.77 15.80
N ILE D 36 12.00 -2.96 15.41
CA ILE D 36 11.27 -3.85 16.30
C ILE D 36 11.94 -5.22 16.33
N GLY D 37 12.19 -5.72 17.52
CA GLY D 37 12.57 -7.09 17.71
C GLY D 37 11.70 -7.73 18.77
N ALA D 38 11.44 -9.02 18.59
CA ALA D 38 10.55 -9.73 19.51
C ALA D 38 11.21 -9.99 20.85
N MET D 39 12.47 -10.41 20.84
CA MET D 39 13.13 -10.90 22.04
C MET D 39 14.39 -10.12 22.36
N GLU D 40 14.83 -10.26 23.60
CA GLU D 40 16.05 -9.61 24.05
C GLU D 40 17.22 -9.99 23.15
N GLN D 41 17.35 -11.29 22.84
CA GLN D 41 18.43 -11.71 21.96
C GLN D 41 18.41 -10.95 20.64
N GLU D 42 17.30 -10.36 20.24
CA GLU D 42 17.18 -9.72 18.92
C GLU D 42 17.41 -8.22 18.97
N VAL D 43 17.41 -7.63 20.17
CA VAL D 43 17.55 -6.19 20.33
C VAL D 43 18.73 -5.79 21.20
N ALA D 44 19.39 -6.72 21.88
CA ALA D 44 20.43 -6.36 22.83
C ALA D 44 21.59 -5.64 22.16
N LEU D 45 22.07 -6.18 21.03
CA LEU D 45 23.20 -5.54 20.35
C LEU D 45 22.82 -4.14 19.91
N LEU D 46 21.63 -4.00 19.34
CA LEU D 46 21.20 -2.70 18.85
C LEU D 46 21.12 -1.69 19.99
N ARG D 47 20.53 -2.10 21.12
CA ARG D 47 20.44 -1.19 22.25
C ARG D 47 21.83 -0.79 22.73
N SER D 48 22.75 -1.76 22.78
CA SER D 48 24.09 -1.47 23.27
C SER D 48 24.80 -0.48 22.37
N GLN D 49 24.38 -0.35 21.12
CA GLN D 49 25.00 0.67 20.28
C GLN D 49 24.29 2.02 20.31
N MET D 50 23.25 2.22 21.12
CA MET D 50 22.56 3.48 21.16
C MET D 50 23.23 4.44 22.14
N SER D 51 23.09 5.73 21.87
CA SER D 51 23.67 6.78 22.70
C SER D 51 22.66 7.17 23.79
N ASN D 52 22.96 6.78 25.03
CA ASN D 52 22.19 7.06 26.25
C ASN D 52 20.69 7.04 25.98
N PRO D 53 20.15 5.86 25.70
CA PRO D 53 18.74 5.76 25.30
C PRO D 53 17.78 5.96 26.47
N THR D 54 16.75 6.74 26.24
CA THR D 54 15.59 6.75 27.15
C THR D 54 14.87 5.40 27.06
N THR D 55 14.26 4.99 28.18
CA THR D 55 13.46 3.77 28.23
C THR D 55 12.03 4.09 28.66
N LEU D 56 11.06 3.50 27.95
CA LEU D 56 9.65 3.56 28.29
C LEU D 56 9.11 2.14 28.35
N GLN D 57 8.47 1.82 29.47
CA GLN D 57 7.73 0.57 29.63
C GLN D 57 6.24 0.86 29.44
N LEU D 58 5.60 0.12 28.52
CA LEU D 58 4.20 0.40 28.23
C LEU D 58 3.57 -0.78 27.52
N GLY D 59 2.38 -1.15 27.98
CA GLY D 59 1.66 -2.28 27.39
C GLY D 59 2.45 -3.57 27.33
N GLY D 60 3.30 -3.81 28.32
CA GLY D 60 4.10 -5.02 28.33
C GLY D 60 5.27 -5.01 27.37
N CYS D 61 5.49 -3.89 26.70
CA CYS D 61 6.56 -3.71 25.72
C CYS D 61 7.58 -2.71 26.24
N GLU D 62 8.75 -2.67 25.59
CA GLU D 62 9.74 -1.66 25.92
C GLU D 62 10.17 -0.88 24.69
N PHE D 63 10.30 0.42 24.86
CA PHE D 63 10.75 1.32 23.81
C PHE D 63 11.97 2.10 24.28
N TYR D 64 12.97 2.15 23.42
CA TYR D 64 14.25 2.77 23.72
C TYR D 64 14.47 3.82 22.65
N GLN D 65 14.53 5.08 23.05
CA GLN D 65 14.66 6.17 22.08
C GLN D 65 16.01 6.86 22.19
N GLY D 66 16.67 7.01 21.05
CA GLY D 66 17.97 7.67 21.02
C GLY D 66 18.57 7.63 19.62
N THR D 67 19.85 7.96 19.54
CA THR D 67 20.57 7.91 18.27
C THR D 67 21.33 6.59 18.16
N LEU D 68 21.37 6.06 16.95
CA LEU D 68 22.07 4.81 16.67
C LEU D 68 22.58 4.90 15.24
N ALA D 69 23.89 4.71 15.09
CA ALA D 69 24.55 4.80 13.80
C ALA D 69 24.16 6.08 13.06
N GLY D 70 24.11 7.18 13.80
CA GLY D 70 23.80 8.47 13.22
C GLY D 70 22.34 8.72 12.88
N LYS D 71 21.43 7.83 13.25
CA LYS D 71 20.03 8.06 12.97
C LYS D 71 19.24 8.19 14.27
N GLU D 72 18.17 8.96 14.22
CA GLU D 72 17.18 8.96 15.30
C GLU D 72 16.39 7.67 15.22
N VAL D 73 16.36 6.89 16.30
CA VAL D 73 15.60 5.65 16.27
C VAL D 73 14.79 5.44 17.54
N ILE D 74 13.69 4.70 17.38
CA ILE D 74 12.95 4.08 18.49
C ILE D 74 13.06 2.56 18.32
N LEU D 75 13.86 1.94 19.17
CA LEU D 75 14.04 0.50 19.21
C LEU D 75 12.98 -0.08 20.13
N THR D 76 12.31 -1.15 19.67
CA THR D 76 11.16 -1.72 20.37
C THR D 76 11.40 -3.20 20.64
N ARG D 77 11.16 -3.61 21.86
CA ARG D 77 11.15 -5.02 22.24
C ARG D 77 9.68 -5.38 22.47
N SER D 78 9.12 -6.12 21.52
CA SER D 78 7.69 -6.31 21.43
C SER D 78 7.16 -7.49 22.22
N GLY D 79 7.96 -8.52 22.41
CA GLY D 79 7.39 -9.81 22.77
C GLY D 79 7.04 -10.63 21.52
N ILE D 80 6.74 -11.88 21.76
CA ILE D 80 6.59 -12.91 20.75
C ILE D 80 5.14 -13.04 20.31
N GLY D 81 4.95 -13.30 19.03
CA GLY D 81 3.65 -13.62 18.47
C GLY D 81 2.93 -12.42 17.86
N LYS D 82 1.83 -12.74 17.14
CA LYS D 82 1.07 -11.74 16.37
C LYS D 82 0.48 -10.67 17.27
N VAL D 83 -0.08 -11.07 18.41
CA VAL D 83 -0.77 -10.09 19.27
C VAL D 83 0.25 -9.13 19.89
N ALA D 84 1.30 -9.66 20.53
CA ALA D 84 2.31 -8.79 21.13
C ALA D 84 3.00 -7.90 20.10
N ALA D 85 3.33 -8.44 18.93
CA ALA D 85 3.89 -7.59 17.87
C ALA D 85 2.91 -6.48 17.47
N SER D 86 1.61 -6.80 17.40
CA SER D 86 0.63 -5.81 17.01
C SER D 86 0.55 -4.70 18.05
N VAL D 87 0.54 -5.07 19.32
CA VAL D 87 0.51 -4.05 20.39
C VAL D 87 1.72 -3.17 20.28
N ALA D 88 2.91 -3.79 20.18
CA ALA D 88 4.14 -3.02 20.13
C ALA D 88 4.13 -2.06 18.95
N THR D 89 3.66 -2.52 17.78
CA THR D 89 3.74 -1.68 16.60
C THR D 89 2.74 -0.53 16.67
N SER D 90 1.53 -0.82 17.16
CA SER D 90 0.51 0.20 17.38
C SER D 90 1.04 1.31 18.27
N LEU D 91 1.62 0.93 19.42
CA LEU D 91 2.11 1.93 20.35
C LEU D 91 3.29 2.68 19.76
N LEU D 92 4.17 1.97 19.07
CA LEU D 92 5.32 2.63 18.45
C LEU D 92 4.87 3.72 17.50
N LEU D 93 3.87 3.41 16.68
CA LEU D 93 3.42 4.36 15.67
C LEU D 93 2.59 5.48 16.27
N GLU D 94 1.67 5.14 17.17
CA GLU D 94 0.81 6.16 17.74
C GLU D 94 1.60 7.09 18.65
N LYS D 95 2.60 6.58 19.37
CA LYS D 95 3.32 7.40 20.33
C LYS D 95 4.57 8.07 19.77
N PHE D 96 5.28 7.44 18.83
CA PHE D 96 6.57 7.96 18.38
C PHE D 96 6.59 8.37 16.91
N ALA D 97 5.56 8.02 16.14
CA ALA D 97 5.40 8.39 14.74
C ALA D 97 6.71 8.35 13.94
N PRO D 98 7.37 7.20 13.87
CA PRO D 98 8.53 7.07 12.99
C PRO D 98 8.12 7.10 11.53
N ASP D 99 9.10 7.41 10.68
CA ASP D 99 8.87 7.44 9.26
C ASP D 99 8.89 6.05 8.63
N CYS D 100 9.40 5.06 9.34
CA CYS D 100 9.35 3.69 8.84
C CYS D 100 9.55 2.74 10.01
N VAL D 101 9.32 1.46 9.74
CA VAL D 101 9.50 0.40 10.73
C VAL D 101 10.29 -0.74 10.11
N ILE D 102 11.37 -1.16 10.77
CA ILE D 102 12.17 -2.31 10.36
C ILE D 102 12.07 -3.37 11.44
N ASN D 103 11.65 -4.56 11.05
CA ASN D 103 11.55 -5.71 11.95
C ASN D 103 12.84 -6.53 11.78
N THR D 104 13.47 -6.87 12.89
CA THR D 104 14.70 -7.65 12.85
C THR D 104 14.49 -8.89 13.71
N GLY D 105 15.13 -9.98 13.30
CA GLY D 105 15.24 -11.11 14.24
C GLY D 105 15.55 -12.44 13.59
N SER D 106 15.00 -13.50 14.16
CA SER D 106 15.26 -14.86 13.72
C SER D 106 14.07 -15.43 12.97
N ALA D 107 14.35 -16.46 12.18
CA ALA D 107 13.30 -17.19 11.47
C ALA D 107 13.76 -18.60 11.21
N GLY D 108 12.83 -19.43 10.76
CA GLY D 108 13.15 -20.80 10.33
C GLY D 108 13.16 -20.92 8.81
N GLY D 109 14.24 -21.49 8.29
CA GLY D 109 14.46 -21.58 6.85
C GLY D 109 13.72 -22.72 6.17
N PHE D 110 13.07 -22.39 5.07
CA PHE D 110 12.35 -23.34 4.24
C PHE D 110 13.01 -23.53 2.88
N ALA D 111 13.61 -22.47 2.34
CA ALA D 111 14.15 -22.50 0.99
C ALA D 111 15.38 -23.38 0.89
N GLN D 112 15.64 -23.82 -0.34
CA GLN D 112 16.68 -24.79 -0.66
C GLN D 112 18.02 -24.46 -0.02
N ASP D 113 18.60 -23.31 -0.35
CA ASP D 113 20.02 -23.05 -0.08
C ASP D 113 20.27 -22.39 1.26
N LEU D 114 19.35 -22.46 2.21
CA LEU D 114 19.49 -21.68 3.41
C LEU D 114 20.21 -22.47 4.49
N HIS D 115 21.15 -21.79 5.14
CA HIS D 115 21.88 -22.33 6.26
C HIS D 115 21.68 -21.46 7.49
N ILE D 116 21.93 -22.08 8.64
CA ILE D 116 21.91 -21.33 9.89
C ILE D 116 22.71 -20.06 9.71
N GLY D 117 22.13 -18.94 10.11
CA GLY D 117 22.85 -17.69 10.05
C GLY D 117 22.59 -16.89 8.79
N ASP D 118 22.04 -17.51 7.75
CA ASP D 118 21.76 -16.81 6.50
C ASP D 118 20.66 -15.77 6.71
N VAL D 119 20.74 -14.70 5.95
CA VAL D 119 19.79 -13.60 6.05
C VAL D 119 18.80 -13.68 4.90
N VAL D 120 17.54 -13.40 5.22
CA VAL D 120 16.49 -13.25 4.25
C VAL D 120 15.87 -11.86 4.42
N ILE D 121 15.85 -11.09 3.33
CA ILE D 121 15.14 -9.83 3.25
C ILE D 121 13.77 -10.10 2.66
N ALA D 122 12.73 -9.69 3.36
CA ALA D 122 11.37 -9.91 2.88
C ALA D 122 11.01 -8.90 1.81
N SER D 123 10.60 -9.38 0.63
CA SER D 123 9.95 -8.49 -0.32
C SER D 123 8.49 -8.31 0.05
N GLU D 124 7.90 -9.33 0.67
CA GLU D 124 6.53 -9.23 1.13
C GLU D 124 6.31 -10.22 2.27
N MET D 125 5.32 -9.93 3.11
CA MET D 125 4.86 -10.85 4.16
C MET D 125 3.43 -11.32 3.91
N ARG D 126 3.20 -12.60 4.20
CA ARG D 126 1.87 -13.18 4.29
C ARG D 126 1.76 -13.90 5.61
N PHE D 127 0.52 -14.13 6.06
CA PHE D 127 0.26 -15.09 7.11
C PHE D 127 0.11 -16.49 6.54
N HIS D 128 0.76 -17.48 7.15
CA HIS D 128 0.55 -18.87 6.73
C HIS D 128 -0.59 -19.55 7.47
N ASP D 129 -1.03 -19.01 8.60
CA ASP D 129 -2.05 -19.66 9.40
C ASP D 129 -3.42 -19.02 9.31
N VAL D 130 -3.57 -17.92 8.57
CA VAL D 130 -4.89 -17.28 8.43
C VAL D 130 -5.69 -18.08 7.42
N ASP D 131 -6.93 -18.43 7.76
CA ASP D 131 -7.80 -19.15 6.81
C ASP D 131 -9.23 -18.67 6.89
N VAL D 132 -9.59 -17.77 5.98
CA VAL D 132 -10.98 -17.36 5.79
C VAL D 132 -11.41 -17.72 4.37
N THR D 133 -10.85 -18.80 3.82
CA THR D 133 -11.12 -19.12 2.43
C THR D 133 -12.57 -19.57 2.22
N ALA D 134 -13.29 -19.91 3.29
CA ALA D 134 -14.69 -20.26 3.16
C ALA D 134 -15.51 -19.12 2.58
N PHE D 135 -15.05 -17.87 2.71
CA PHE D 135 -15.75 -16.72 2.18
C PHE D 135 -15.12 -16.15 0.90
N GLY D 136 -14.20 -16.88 0.28
CA GLY D 136 -13.63 -16.44 -0.97
C GLY D 136 -12.29 -15.75 -0.90
N TYR D 137 -11.69 -15.60 0.28
CA TYR D 137 -10.37 -15.00 0.38
C TYR D 137 -9.30 -16.01 -0.02
N GLU D 138 -8.18 -15.48 -0.50
CA GLU D 138 -7.01 -16.31 -0.73
C GLU D 138 -6.54 -16.93 0.58
N MET D 139 -5.85 -18.08 0.49
CA MET D 139 -5.23 -18.59 1.69
C MET D 139 -4.28 -17.56 2.26
N GLY D 140 -4.30 -17.44 3.58
CA GLY D 140 -3.44 -16.52 4.27
C GLY D 140 -3.94 -15.11 4.32
N GLN D 141 -5.01 -14.79 3.61
CA GLN D 141 -5.49 -13.42 3.58
C GLN D 141 -6.54 -13.23 4.68
N MET D 142 -6.32 -12.24 5.54
CA MET D 142 -7.31 -11.90 6.56
C MET D 142 -8.40 -11.06 5.90
N ALA D 143 -9.65 -11.28 6.33
CA ALA D 143 -10.77 -10.45 5.88
C ALA D 143 -10.47 -8.97 6.10
N GLN D 144 -10.86 -8.15 5.12
CA GLN D 144 -10.68 -6.70 5.09
C GLN D 144 -9.22 -6.26 4.88
N GLN D 145 -8.32 -7.20 4.60
CA GLN D 145 -6.89 -6.92 4.39
C GLN D 145 -6.48 -7.39 3.01
N PRO D 146 -5.39 -6.87 2.46
CA PRO D 146 -4.83 -7.49 1.24
C PRO D 146 -4.26 -8.85 1.59
N ALA D 147 -4.07 -9.67 0.54
CA ALA D 147 -3.54 -11.02 0.72
C ALA D 147 -2.05 -11.01 1.11
N ALA D 148 -1.33 -9.96 0.79
CA ALA D 148 0.07 -9.82 1.10
C ALA D 148 0.37 -8.37 1.46
N PHE D 149 1.42 -8.16 2.23
CA PHE D 149 1.86 -6.82 2.64
C PHE D 149 3.27 -6.59 2.10
N PRO D 150 3.39 -5.93 0.95
CA PRO D 150 4.71 -5.68 0.38
C PRO D 150 5.50 -4.73 1.25
N CYS D 151 6.80 -5.01 1.35
CA CYS D 151 7.72 -4.13 2.07
C CYS D 151 8.09 -2.98 1.17
N ASP D 152 8.59 -1.92 1.79
CA ASP D 152 8.85 -0.70 1.08
C ASP D 152 9.97 -0.87 0.05
N GLU D 153 9.73 -0.31 -1.15
CA GLU D 153 10.66 -0.47 -2.26
C GLU D 153 12.02 0.13 -1.92
N THR D 154 12.03 1.26 -1.19
CA THR D 154 13.30 1.90 -0.84
C THR D 154 14.07 1.09 0.20
N LEU D 155 13.40 0.70 1.28
CA LEU D 155 14.05 -0.05 2.36
C LEU D 155 14.60 -1.37 1.84
N ILE D 156 13.80 -2.08 1.03
CA ILE D 156 14.28 -3.32 0.44
C ILE D 156 15.61 -3.08 -0.28
N ALA D 157 15.65 -2.03 -1.12
CA ALA D 157 16.87 -1.77 -1.88
C ALA D 157 18.05 -1.43 -0.98
N VAL D 158 17.80 -0.71 0.11
CA VAL D 158 18.88 -0.39 1.03
C VAL D 158 19.44 -1.65 1.68
N ALA D 159 18.55 -2.52 2.16
CA ALA D 159 19.03 -3.77 2.74
C ALA D 159 19.79 -4.58 1.71
N GLN D 160 19.32 -4.60 0.46
CA GLN D 160 20.03 -5.32 -0.58
C GLN D 160 21.42 -4.73 -0.79
N ASP D 161 21.54 -3.41 -0.67
CA ASP D 161 22.83 -2.78 -0.82
C ASP D 161 23.73 -2.98 0.39
N CYS D 162 23.21 -3.54 1.46
CA CYS D 162 24.03 -4.07 2.55
C CYS D 162 24.28 -5.55 2.23
N LYS D 172 19.20 -13.84 0.25
CA LYS D 172 17.99 -13.93 -0.57
C LYS D 172 16.87 -12.88 -0.24
N VAL D 173 16.10 -12.58 -1.26
CA VAL D 173 14.96 -11.65 -1.17
C VAL D 173 13.72 -12.40 -1.61
N GLY D 174 12.65 -12.36 -0.80
CA GLY D 174 11.43 -13.01 -1.19
C GLY D 174 10.40 -13.04 -0.08
N LEU D 175 9.50 -14.01 -0.17
CA LEU D 175 8.37 -14.08 0.75
C LEU D 175 8.75 -14.75 2.06
N ILE D 176 8.35 -14.12 3.16
CA ILE D 176 8.38 -14.72 4.49
C ILE D 176 6.94 -14.81 4.95
N CYS D 177 6.59 -15.90 5.63
CA CYS D 177 5.28 -16.01 6.21
C CYS D 177 5.34 -16.08 7.74
N THR D 178 4.27 -15.59 8.34
CA THR D 178 4.08 -15.45 9.77
C THR D 178 2.91 -16.32 10.22
N GLY D 179 3.04 -16.87 11.43
CA GLY D 179 1.93 -17.57 12.07
C GLY D 179 2.30 -17.71 13.53
N ASP D 180 1.29 -18.03 14.33
CA ASP D 180 1.44 -18.18 15.78
C ASP D 180 1.76 -19.62 16.16
N GLN D 181 2.59 -20.28 15.35
CA GLN D 181 3.04 -21.62 15.66
C GLN D 181 4.55 -21.69 15.45
N PHE D 182 5.23 -22.39 16.34
CA PHE D 182 6.63 -22.75 16.07
C PHE D 182 6.59 -23.98 15.18
N MET D 183 7.04 -23.81 13.95
CA MET D 183 6.86 -24.83 12.92
C MET D 183 8.00 -25.82 12.96
N CYS D 184 7.76 -27.02 13.46
CA CYS D 184 8.79 -28.09 13.40
C CYS D 184 8.23 -29.51 13.16
N LYS D 185 6.94 -29.79 13.36
CA LYS D 185 6.34 -31.14 13.18
C LYS D 185 6.14 -31.25 11.68
N PRO D 186 6.51 -32.48 10.86
CA PRO D 186 6.54 -32.60 9.38
C PRO D 186 5.22 -32.32 8.66
N ASP D 187 4.08 -32.72 9.23
CA ASP D 187 2.79 -32.45 8.59
C ASP D 187 2.59 -30.96 8.38
N ALA D 188 2.87 -30.17 9.41
CA ALA D 188 2.68 -28.72 9.35
C ALA D 188 3.62 -28.08 8.35
N ILE D 189 4.86 -28.55 8.29
CA ILE D 189 5.80 -27.97 7.34
C ILE D 189 5.35 -28.29 5.92
N ALA D 190 4.90 -29.52 5.68
CA ALA D 190 4.40 -29.87 4.35
C ALA D 190 3.20 -29.02 3.97
N LYS D 191 2.27 -28.79 4.90
CA LYS D 191 1.10 -27.99 4.53
C LYS D 191 1.50 -26.55 4.19
N ALA D 192 2.43 -25.99 4.96
CA ALA D 192 2.90 -24.63 4.67
C ALA D 192 3.54 -24.56 3.30
N ARG D 193 4.41 -25.52 2.99
CA ARG D 193 5.05 -25.53 1.67
C ARG D 193 4.02 -25.65 0.56
N ALA D 194 3.01 -26.50 0.76
CA ALA D 194 1.99 -26.68 -0.26
C ALA D 194 1.18 -25.41 -0.45
N ASP D 195 0.80 -24.74 0.64
CA ASP D 195 0.04 -23.49 0.52
C ASP D 195 0.87 -22.35 -0.05
N PHE D 196 2.18 -22.35 0.16
CA PHE D 196 3.03 -21.21 -0.18
C PHE D 196 4.33 -21.76 -0.75
N PRO D 197 4.28 -22.25 -2.00
CA PRO D 197 5.50 -22.83 -2.59
C PRO D 197 6.68 -21.87 -2.62
N GLN D 198 6.47 -20.55 -2.69
CA GLN D 198 7.57 -19.60 -2.77
C GLN D 198 8.01 -19.05 -1.42
N MET D 199 7.45 -19.53 -0.31
CA MET D 199 7.83 -19.07 1.02
C MET D 199 9.26 -19.50 1.34
N LEU D 200 10.11 -18.54 1.70
CA LEU D 200 11.50 -18.84 2.00
C LEU D 200 11.75 -19.16 3.47
N ALA D 201 10.97 -18.59 4.38
CA ALA D 201 11.19 -18.77 5.80
C ALA D 201 9.90 -18.44 6.55
N VAL D 202 9.87 -18.85 7.82
CA VAL D 202 8.70 -18.63 8.69
C VAL D 202 9.15 -17.98 9.99
N GLU D 203 8.24 -17.23 10.58
CA GLU D 203 8.50 -16.58 11.86
C GLU D 203 7.15 -16.23 12.45
N MET D 204 7.14 -15.44 13.52
CA MET D 204 5.92 -15.30 14.30
C MET D 204 5.45 -13.86 14.46
N GLU D 205 6.07 -12.87 13.81
CA GLU D 205 5.58 -11.49 13.95
C GLU D 205 5.54 -10.65 12.67
N GLY D 206 6.31 -10.97 11.64
CA GLY D 206 6.53 -10.02 10.56
C GLY D 206 5.26 -9.54 9.87
N ALA D 207 4.38 -10.48 9.52
CA ALA D 207 3.16 -10.08 8.82
C ALA D 207 2.22 -9.33 9.74
N ALA D 208 2.31 -9.54 11.06
CA ALA D 208 1.48 -8.73 11.94
C ALA D 208 1.94 -7.29 11.92
N ILE D 209 3.27 -7.11 11.95
CA ILE D 209 3.84 -5.76 11.89
C ILE D 209 3.48 -5.10 10.57
N GLY D 210 3.59 -5.85 9.48
CA GLY D 210 3.18 -5.34 8.17
C GLY D 210 1.71 -4.95 8.12
N GLN D 211 0.83 -5.75 8.73
CA GLN D 211 -0.57 -5.39 8.71
C GLN D 211 -0.82 -4.12 9.51
N VAL D 212 -0.18 -3.99 10.69
CA VAL D 212 -0.39 -2.78 11.47
C VAL D 212 0.15 -1.56 10.71
N CYS D 213 1.33 -1.71 10.08
CA CYS D 213 1.89 -0.61 9.27
C CYS D 213 1.01 -0.25 8.08
N HIS D 214 0.33 -1.24 7.52
CA HIS D 214 -0.66 -1.00 6.48
C HIS D 214 -1.84 -0.23 7.04
N MET D 215 -2.33 -0.62 8.21
CA MET D 215 -3.47 0.06 8.81
C MET D 215 -3.12 1.51 9.13
N PHE D 216 -1.87 1.79 9.45
CA PHE D 216 -1.41 3.14 9.73
C PHE D 216 -0.80 3.84 8.51
N LYS D 217 -0.54 3.09 7.44
CA LYS D 217 0.10 3.62 6.23
C LYS D 217 1.51 4.14 6.49
N VAL D 218 2.36 3.23 6.94
CA VAL D 218 3.74 3.55 7.25
C VAL D 218 4.64 2.55 6.52
N PRO D 219 5.71 2.98 5.85
CA PRO D 219 6.64 2.02 5.22
C PRO D 219 7.23 1.01 6.20
N TYR D 220 7.42 -0.23 5.75
CA TYR D 220 8.03 -1.21 6.64
C TYR D 220 8.87 -2.19 5.85
N LEU D 221 9.81 -2.84 6.56
CA LEU D 221 10.65 -3.90 6.03
C LEU D 221 10.82 -4.97 7.11
N VAL D 222 10.90 -6.23 6.70
CA VAL D 222 11.28 -7.32 7.59
C VAL D 222 12.60 -7.91 7.11
N VAL D 223 13.56 -8.00 8.03
CA VAL D 223 14.83 -8.69 7.84
C VAL D 223 14.96 -9.76 8.93
N ARG D 224 15.26 -10.99 8.51
CA ARG D 224 15.43 -12.10 9.47
C ARG D 224 16.70 -12.87 9.15
N ALA D 225 17.22 -13.61 10.14
CA ALA D 225 18.30 -14.56 9.93
C ALA D 225 17.91 -15.90 10.54
N MET D 226 18.39 -16.98 9.93
CA MET D 226 17.86 -18.31 10.19
C MET D 226 18.47 -18.83 11.48
N SER D 227 17.62 -19.16 12.44
CA SER D 227 18.05 -19.83 13.66
C SER D 227 17.87 -21.33 13.59
N ASP D 228 17.12 -21.81 12.61
CA ASP D 228 16.85 -23.22 12.45
C ASP D 228 16.39 -23.40 11.01
N ILE D 229 16.44 -24.65 10.58
CA ILE D 229 16.08 -25.05 9.22
C ILE D 229 14.96 -26.07 9.31
N ALA D 230 13.97 -25.94 8.44
CA ALA D 230 12.81 -26.83 8.47
C ALA D 230 13.22 -28.29 8.56
N GLY D 231 12.80 -28.94 9.64
CA GLY D 231 12.98 -30.36 9.82
C GLY D 231 14.32 -30.81 10.36
N LYS D 232 15.22 -29.89 10.71
CA LYS D 232 16.54 -30.30 11.19
C LYS D 232 16.74 -29.91 12.66
N GLU D 233 16.24 -30.77 13.57
CA GLU D 233 16.47 -30.61 15.01
C GLU D 233 16.18 -29.17 15.45
N GLN D 234 14.98 -28.69 15.13
CA GLN D 234 14.79 -27.25 15.14
C GLN D 234 14.71 -26.66 16.55
N VAL D 235 14.22 -27.40 17.52
CA VAL D 235 14.15 -26.86 18.89
C VAL D 235 15.56 -26.62 19.45
N GLU D 236 16.39 -27.67 19.41
CA GLU D 236 17.81 -27.55 19.80
C GLU D 236 18.51 -26.47 18.99
N SER D 237 18.27 -26.45 17.68
CA SER D 237 18.90 -25.43 16.83
C SER D 237 18.54 -24.03 17.27
N PHE D 238 17.26 -23.78 17.47
CA PHE D 238 16.81 -22.46 17.90
C PHE D 238 17.50 -22.05 19.19
N ASP D 239 17.49 -22.96 20.20
CA ASP D 239 18.13 -22.66 21.48
C ASP D 239 19.61 -22.31 21.29
N ALA D 240 20.28 -23.05 20.42
CA ALA D 240 21.72 -22.84 20.27
C ALA D 240 22.03 -21.59 19.46
N PHE D 241 21.20 -21.23 18.47
CA PHE D 241 21.61 -20.25 17.47
C PHE D 241 20.72 -19.02 17.39
N ILE D 242 19.80 -18.85 18.34
CA ILE D 242 19.00 -17.64 18.35
C ILE D 242 19.88 -16.40 18.49
N GLU D 243 20.97 -16.48 19.25
CA GLU D 243 21.76 -15.25 19.36
C GLU D 243 22.57 -14.98 18.10
N VAL D 244 23.10 -16.02 17.44
CA VAL D 244 23.75 -15.82 16.15
C VAL D 244 22.79 -15.18 15.14
N ALA D 245 21.57 -15.69 15.09
CA ALA D 245 20.60 -15.16 14.13
C ALA D 245 20.26 -13.72 14.46
N GLY D 246 19.98 -13.45 15.75
CA GLY D 246 19.66 -12.09 16.16
C GLY D 246 20.78 -11.13 15.83
N LYS D 247 22.02 -11.57 16.01
CA LYS D 247 23.18 -10.75 15.69
C LYS D 247 23.29 -10.48 14.20
N HIS D 248 23.18 -11.51 13.37
CA HIS D 248 23.34 -11.29 11.93
C HIS D 248 22.27 -10.34 11.38
N SER D 249 21.03 -10.53 11.84
CA SER D 249 19.96 -9.60 11.45
C SER D 249 20.26 -8.18 11.92
N ALA D 250 20.60 -8.02 13.20
CA ALA D 250 20.85 -6.68 13.74
C ALA D 250 22.03 -6.00 13.04
N GLU D 251 23.00 -6.77 12.57
CA GLU D 251 24.13 -6.18 11.89
C GLU D 251 23.70 -5.61 10.55
N VAL D 252 22.85 -6.34 9.82
CA VAL D 252 22.27 -5.78 8.60
C VAL D 252 21.64 -4.43 8.90
N ILE D 253 20.79 -4.39 9.93
CA ILE D 253 20.07 -3.15 10.26
C ILE D 253 21.05 -2.02 10.54
N ILE D 254 22.12 -2.32 11.29
CA ILE D 254 23.11 -1.29 11.61
C ILE D 254 23.70 -0.68 10.35
N LYS D 255 24.00 -1.53 9.36
CA LYS D 255 24.49 -1.04 8.08
C LYS D 255 23.42 -0.21 7.36
N MET D 256 22.17 -0.68 7.38
CA MET D 256 21.08 0.07 6.76
C MET D 256 21.00 1.48 7.33
N LEU D 257 21.06 1.60 8.66
CA LEU D 257 20.99 2.93 9.26
C LEU D 257 22.15 3.80 8.79
N GLY D 258 23.32 3.19 8.62
CA GLY D 258 24.43 3.91 8.04
C GLY D 258 24.13 4.49 6.67
N LYS D 259 23.23 3.86 5.91
CA LYS D 259 22.90 4.35 4.58
C LYS D 259 21.59 5.12 4.50
N LEU D 260 20.90 5.35 5.62
CA LEU D 260 19.68 6.15 5.62
C LEU D 260 19.98 7.57 6.10
N9 ADE E . -1.82 -1.73 -27.90
C8 ADE E . -2.21 -2.70 -28.80
N7 ADE E . -1.23 -3.21 -29.49
C5 ADE E . -0.12 -2.53 -29.04
C6 ADE E . 1.25 -2.61 -29.38
N6 ADE E . 1.73 -3.43 -30.31
N1 ADE E . 2.12 -1.79 -28.73
C2 ADE E . 1.62 -0.96 -27.80
N3 ADE E . 0.36 -0.80 -27.39
C4 ADE E . -0.46 -1.61 -28.06
H8 ADE E . -3.10 -2.96 -28.89
HN61 ADE E . 2.58 -3.44 -30.48
HN62 ADE E . 1.20 -3.96 -30.74
H2 ADE E . 2.24 -0.40 -27.40
N9 ADE F . 17.81 14.93 -14.76
C8 ADE F . 19.08 15.38 -14.48
N7 ADE F . 20.02 14.80 -15.20
C5 ADE F . 19.31 13.91 -16.01
C6 ADE F . 19.71 13.02 -17.00
N6 ADE F . 20.97 12.84 -17.37
N1 ADE F . 18.76 12.29 -17.61
C2 ADE F . 17.49 12.45 -17.23
N3 ADE F . 16.99 13.25 -16.29
C4 ADE F . 17.96 13.97 -15.73
H8 ADE F . 19.26 16.03 -13.85
HN61 ADE F . 21.17 12.28 -17.98
HN62 ADE F . 21.59 13.30 -16.99
H2 ADE F . 16.86 11.91 -17.68
N9 ADE G . -17.49 -16.10 14.24
C8 ADE G . -18.76 -16.58 14.07
N7 ADE G . -18.80 -17.81 13.64
C5 ADE G . -17.46 -18.19 13.53
C6 ADE G . -16.82 -19.39 13.12
N6 ADE G . -17.49 -20.48 12.75
N1 ADE G . -15.47 -19.42 13.14
C2 ADE G . -14.82 -18.30 13.51
N3 ADE G . -15.32 -17.14 13.92
C4 ADE G . -16.65 -17.14 13.91
H8 ADE G . -19.51 -16.07 14.24
HN61 ADE G . -17.06 -21.19 12.52
HN62 ADE G . -18.35 -20.48 12.74
H2 ADE G . -13.89 -18.36 13.48
N9 ADE H . 11.42 -18.38 14.40
C8 ADE H . 12.59 -19.08 14.25
N7 ADE H . 12.41 -20.35 13.90
C5 ADE H . 11.04 -20.48 13.78
C6 ADE H . 10.21 -21.55 13.43
N6 ADE H . 10.69 -22.76 13.11
N1 ADE H . 8.87 -21.36 13.43
C2 ADE H . 8.41 -20.14 13.75
N3 ADE H . 9.09 -19.04 14.10
C4 ADE H . 10.41 -19.28 14.09
H8 ADE H . 13.43 -18.70 14.38
HN61 ADE H . 10.15 -23.41 12.94
HN62 ADE H . 11.55 -22.90 13.11
H2 ADE H . 7.48 -20.05 13.75
#